data_4FQJ
#
_entry.id   4FQJ
#
_cell.length_a   45.570
_cell.length_b   111.930
_cell.length_c   168.260
_cell.angle_alpha   90.00
_cell.angle_beta   90.00
_cell.angle_gamma   90.00
#
_symmetry.space_group_name_H-M   'P 21 21 21'
#
loop_
_entity.id
_entity.type
_entity.pdbx_description
1 polymer Hemagglutinin
2 polymer 'antibody CR8071 light chain'
3 polymer 'antibody CR8071 heavy chain'
4 branched 2-acetamido-2-deoxy-beta-D-glucopyranose-(1-4)-2-acetamido-2-deoxy-beta-D-glucopyranose
5 branched beta-D-mannopyranose-(1-4)-2-acetamido-2-deoxy-beta-D-glucopyranose-(1-4)-2-acetamido-2-deoxy-beta-D-glucopyranose
6 water water
#
loop_
_entity_poly.entity_id
_entity_poly.type
_entity_poly.pdbx_seq_one_letter_code
_entity_poly.pdbx_strand_id
1 'polypeptide(L)'
;PLTTTPTKSYFANLKGTRTRGKLCPDCLNCTDLDVALGRPMCVGTTPSAKASILHEVKPVTSGCFPIMHDRTKIRQLPNL
LRGYENIRLSTQNVIDAEKAPGGPYRLGTSGSCPNATSKSGFFATMAWAVPKDNNKNATNPLTVEVPYICTEGEDQITVW
GFHSDDKTQMKNLYGDSNPQKFTSSANGVTTHYVSQIGSFPDQTEDGGLPQSGRIVVDYMMQKPGKTGTIVYQRGVLLPQ
KVWCASGRSKVIKGSLPLIGEADCLHEKYGGLNKSKPYYTGEHAKAIGNCPIWVKTPLHHHHHH
;
A
2 'polypeptide(L)'
;QSVLTQPPSASGTPGQRVTISCSGSSSNIGTNYVYWYQQFPGTAPKLLIYRSYQRPSGVPDRFSGSKSGSSASLAISGLQ
SEDEADYYCATWDDSLDGWVFGGGTKLTVLRQPKAAPSVTLFPPSSEELQANKATLVCLISDFYPGAVTVAWKADSSPVK
AGVETTTPSKQSNNKYAASSYLSLTPEQWKSHRSYSCQVTHEGSTVEKTVAPTECS
;
L
3 'polypeptide(L)'
;QVQLVQSGAEVKKPGASVRVSCRASGYIFTESGITWVRQAPGQGLEWMGWISGYSGDTKYAQKLQGRVTMTKDTSTTTAY
MELRSLRYDDTAVYYCARDVQYSGSYLGAYYFDYWSPGTLVTVSSASTKGPSVFPLAPSSKSTSGGTAALGCLVKDYFPE
PVTVSWNSGALTSGVHTFPAVLQSSGLYSLSSVVTVPSSSLGTQTYICNVNHKPSNTKVDKRVEPKSCHHHHHH
;
H
#
# COMPACT_ATOMS: atom_id res chain seq x y z
N THR A 3 -6.59 4.97 -34.47
CA THR A 3 -5.25 5.18 -33.94
C THR A 3 -5.19 5.87 -32.58
N THR A 4 -5.06 5.04 -31.54
CA THR A 4 -5.14 5.48 -30.18
C THR A 4 -3.88 5.11 -29.41
N THR A 5 -3.63 5.81 -28.32
CA THR A 5 -2.53 5.46 -27.43
C THR A 5 -2.97 4.27 -26.58
N PRO A 6 -2.22 3.16 -26.67
CA PRO A 6 -2.59 1.94 -25.94
C PRO A 6 -2.74 2.24 -24.44
N THR A 7 -3.58 1.48 -23.77
CA THR A 7 -3.71 1.60 -22.33
C THR A 7 -2.54 0.77 -21.80
N LYS A 8 -1.80 1.28 -20.82
CA LYS A 8 -0.73 0.46 -20.30
C LYS A 8 -1.34 -0.72 -19.57
N SER A 9 -0.66 -1.84 -19.72
CA SER A 9 -1.12 -3.11 -19.21
C SER A 9 0.05 -3.95 -18.73
N TYR A 10 -0.24 -5.09 -18.11
CA TYR A 10 0.79 -5.98 -17.62
C TYR A 10 1.60 -6.57 -18.78
N PHE A 11 2.83 -7.00 -18.46
CA PHE A 11 3.66 -7.71 -19.42
C PHE A 11 3.11 -9.13 -19.63
N ALA A 12 3.47 -9.77 -20.74
CA ALA A 12 2.87 -11.04 -21.10
C ALA A 12 3.87 -11.98 -21.74
N ASN A 13 3.43 -13.20 -22.02
CA ASN A 13 4.23 -14.09 -22.87
C ASN A 13 4.19 -13.66 -24.35
N LEU A 14 5.34 -13.64 -25.01
CA LEU A 14 5.39 -13.32 -26.42
C LEU A 14 4.87 -14.50 -27.24
N LYS A 15 3.90 -14.22 -28.11
CA LYS A 15 3.13 -15.25 -28.82
C LYS A 15 3.94 -16.41 -29.43
N GLY A 16 4.83 -16.11 -30.37
CA GLY A 16 5.59 -17.20 -31.00
C GLY A 16 6.93 -17.56 -30.38
N THR A 17 7.13 -17.16 -29.12
CA THR A 17 8.47 -17.12 -28.55
C THR A 17 8.49 -17.35 -27.03
N ARG A 18 9.30 -18.32 -26.60
CA ARG A 18 9.57 -18.56 -25.19
C ARG A 18 9.98 -17.28 -24.48
N THR A 19 9.32 -16.97 -23.37
CA THR A 19 9.61 -15.73 -22.63
C THR A 19 10.07 -15.96 -21.18
N ARG A 20 11.28 -15.51 -20.90
CA ARG A 20 11.89 -15.73 -19.61
C ARG A 20 11.57 -14.59 -18.64
N GLY A 21 10.89 -14.91 -17.55
CA GLY A 21 10.72 -13.97 -16.46
C GLY A 21 11.82 -14.24 -15.43
N LYS A 22 11.55 -15.10 -14.45
CA LYS A 22 12.60 -15.54 -13.54
C LYS A 22 13.53 -16.54 -14.23
N LEU A 23 14.80 -16.54 -13.84
CA LEU A 23 15.78 -17.50 -14.38
C LEU A 23 15.31 -18.93 -14.15
N CYS A 24 14.74 -19.19 -12.97
CA CYS A 24 14.36 -20.54 -12.61
C CYS A 24 12.94 -20.56 -12.07
N PRO A 25 11.97 -20.72 -12.97
CA PRO A 25 10.61 -20.89 -12.46
C PRO A 25 10.65 -22.26 -11.83
N ASP A 26 9.98 -22.43 -10.69
CA ASP A 26 10.03 -23.65 -9.86
C ASP A 26 10.98 -23.56 -8.67
N CYS A 27 11.95 -22.66 -8.71
CA CYS A 27 12.73 -22.30 -7.52
C CYS A 27 12.04 -21.12 -6.85
N LEU A 28 10.83 -21.31 -6.33
CA LEU A 28 10.23 -20.23 -5.54
C LEU A 28 10.99 -20.15 -4.23
N ASN A 29 10.69 -19.14 -3.41
CA ASN A 29 11.56 -18.74 -2.31
C ASN A 29 12.94 -18.29 -2.79
N CYS A 30 13.07 -17.96 -4.08
CA CYS A 30 14.38 -17.61 -4.61
C CYS A 30 14.35 -16.38 -5.50
N THR A 31 15.32 -15.47 -5.34
CA THR A 31 15.48 -14.43 -6.34
C THR A 31 16.40 -14.89 -7.48
N ASP A 32 16.40 -14.14 -8.57
CA ASP A 32 17.28 -14.42 -9.69
C ASP A 32 18.74 -14.53 -9.23
N LEU A 33 19.18 -13.54 -8.45
CA LEU A 33 20.53 -13.47 -7.90
C LEU A 33 20.86 -14.64 -6.95
N ASP A 34 19.84 -15.15 -6.26
CA ASP A 34 19.98 -16.40 -5.49
C ASP A 34 20.32 -17.61 -6.38
N VAL A 35 19.67 -17.67 -7.54
CA VAL A 35 19.93 -18.73 -8.50
C VAL A 35 21.33 -18.55 -9.14
N ALA A 36 21.61 -17.36 -9.65
CA ALA A 36 22.92 -17.06 -10.20
C ALA A 36 24.11 -17.43 -9.28
N LEU A 37 23.92 -17.29 -7.97
CA LEU A 37 24.92 -17.69 -6.97
C LEU A 37 24.85 -19.15 -6.53
N GLY A 38 23.72 -19.82 -6.81
CA GLY A 38 23.55 -21.19 -6.39
C GLY A 38 23.30 -21.33 -4.90
N ARG A 39 22.62 -20.33 -4.32
CA ARG A 39 22.17 -20.41 -2.94
C ARG A 39 21.40 -21.72 -2.78
N PRO A 40 21.55 -22.41 -1.63
CA PRO A 40 20.86 -23.69 -1.58
C PRO A 40 19.31 -23.54 -1.53
N MET A 41 18.60 -24.49 -2.15
CA MET A 41 17.15 -24.41 -2.46
C MET A 41 16.87 -23.66 -3.76
N CYS A 42 17.92 -23.27 -4.47
CA CYS A 42 17.77 -22.49 -5.71
C CYS A 42 18.57 -23.08 -6.87
N VAL A 43 18.83 -24.38 -6.80
CA VAL A 43 19.57 -25.07 -7.86
C VAL A 43 18.61 -25.92 -8.69
N GLY A 44 17.81 -25.27 -9.53
CA GLY A 44 16.86 -25.95 -10.38
C GLY A 44 17.02 -25.61 -11.85
N THR A 45 16.15 -26.20 -12.67
CA THR A 45 16.18 -25.99 -14.11
C THR A 45 16.11 -24.52 -14.53
N THR A 46 17.03 -24.12 -15.40
CA THR A 46 17.03 -22.77 -15.96
C THR A 46 16.78 -22.83 -17.46
N PRO A 47 15.50 -22.88 -17.84
CA PRO A 47 15.12 -23.11 -19.24
C PRO A 47 15.58 -22.04 -20.22
N SER A 48 15.75 -22.44 -21.48
CA SER A 48 16.07 -21.56 -22.59
C SER A 48 14.85 -20.70 -22.95
N ALA A 49 15.10 -19.50 -23.44
CA ALA A 49 14.07 -18.64 -23.97
C ALA A 49 14.80 -17.72 -24.92
N LYS A 50 14.06 -17.17 -25.89
CA LYS A 50 14.67 -16.35 -26.94
C LYS A 50 14.32 -14.89 -26.69
N ALA A 51 13.38 -14.69 -25.75
CA ALA A 51 13.06 -13.35 -25.26
C ALA A 51 13.03 -13.38 -23.73
N SER A 52 13.64 -12.38 -23.12
CA SER A 52 13.73 -12.30 -21.66
C SER A 52 13.35 -10.93 -21.19
N ILE A 53 12.64 -10.86 -20.07
CA ILE A 53 12.37 -9.56 -19.51
C ILE A 53 13.29 -9.20 -18.33
N LEU A 54 13.91 -8.03 -18.44
CA LEU A 54 14.74 -7.48 -17.40
C LEU A 54 13.86 -6.70 -16.43
N HIS A 55 13.64 -7.33 -15.28
CA HIS A 55 12.71 -6.82 -14.26
C HIS A 55 13.37 -6.29 -12.98
N GLU A 56 14.66 -6.52 -12.82
CA GLU A 56 15.41 -5.94 -11.70
C GLU A 56 16.65 -5.18 -12.19
N VAL A 57 16.59 -3.85 -12.13
CA VAL A 57 17.77 -3.06 -12.41
C VAL A 57 18.90 -3.26 -11.38
N LYS A 58 18.54 -3.51 -10.13
CA LYS A 58 19.53 -3.85 -9.08
C LYS A 58 19.15 -5.16 -8.42
N PRO A 59 19.55 -6.29 -9.02
CA PRO A 59 19.11 -7.58 -8.44
C PRO A 59 19.53 -7.76 -6.97
N VAL A 60 18.78 -8.60 -6.28
CA VAL A 60 18.80 -8.67 -4.83
C VAL A 60 18.91 -10.13 -4.40
N THR A 61 19.73 -10.43 -3.39
CA THR A 61 19.77 -11.75 -2.74
C THR A 61 18.69 -11.78 -1.66
N SER A 62 18.30 -12.96 -1.18
CA SER A 62 17.30 -13.01 -0.11
C SER A 62 17.56 -14.14 0.89
N GLY A 63 18.83 -14.31 1.23
CA GLY A 63 19.24 -15.42 2.06
C GLY A 63 20.70 -15.76 1.88
N CYS A 64 21.10 -16.82 2.55
CA CYS A 64 22.49 -17.24 2.65
C CYS A 64 23.43 -16.21 3.35
N PHE A 65 24.73 -16.46 3.27
CA PHE A 65 25.73 -15.63 3.93
C PHE A 65 25.76 -14.19 3.41
N PRO A 66 25.81 -13.20 4.34
CA PRO A 66 25.80 -11.77 4.01
C PRO A 66 26.94 -11.31 3.09
N ILE A 67 26.55 -10.67 1.99
CA ILE A 67 27.48 -10.21 0.95
C ILE A 67 27.65 -8.68 1.03
N MET A 68 28.83 -8.19 0.66
CA MET A 68 29.05 -6.75 0.42
C MET A 68 28.98 -6.54 -1.08
N HIS A 69 27.76 -6.46 -1.59
CA HIS A 69 27.46 -6.44 -3.02
C HIS A 69 28.22 -5.38 -3.82
N ASP A 70 28.17 -4.14 -3.35
CA ASP A 70 28.79 -3.01 -4.07
C ASP A 70 30.31 -3.06 -4.27
N ARG A 71 30.98 -4.06 -3.72
CA ARG A 71 32.42 -4.17 -3.89
C ARG A 71 32.80 -4.72 -5.25
N THR A 72 31.86 -5.40 -5.91
CA THR A 72 32.09 -5.95 -7.25
C THR A 72 30.87 -5.72 -8.14
N LYS A 73 30.95 -6.22 -9.37
CA LYS A 73 29.86 -6.09 -10.36
C LYS A 73 28.90 -7.25 -10.25
N ILE A 74 28.75 -7.80 -9.05
CA ILE A 74 28.02 -9.03 -8.83
C ILE A 74 26.49 -8.96 -8.99
N ARG A 75 25.89 -7.82 -8.66
CA ARG A 75 24.44 -7.73 -8.73
C ARG A 75 23.98 -7.99 -10.16
N GLN A 76 24.80 -7.57 -11.11
CA GLN A 76 24.44 -7.66 -12.52
C GLN A 76 24.52 -9.05 -13.15
N LEU A 77 24.96 -10.04 -12.37
CA LEU A 77 25.11 -11.39 -12.92
C LEU A 77 23.86 -11.98 -13.61
N PRO A 78 22.68 -11.94 -12.94
CA PRO A 78 21.50 -12.55 -13.58
C PRO A 78 21.00 -11.79 -14.80
N ASN A 79 21.22 -10.48 -14.85
CA ASN A 79 20.90 -9.75 -16.08
C ASN A 79 21.88 -10.06 -17.23
N LEU A 80 23.10 -10.42 -16.89
CA LEU A 80 24.06 -10.90 -17.89
C LEU A 80 23.61 -12.25 -18.43
N LEU A 81 23.44 -13.22 -17.52
CA LEU A 81 22.82 -14.51 -17.81
C LEU A 81 21.57 -14.40 -18.70
N ARG A 82 20.67 -13.47 -18.40
CA ARG A 82 19.39 -13.48 -19.10
C ARG A 82 19.53 -13.04 -20.54
N GLY A 83 20.71 -12.51 -20.87
CA GLY A 83 21.04 -12.14 -22.24
C GLY A 83 21.33 -13.30 -23.17
N TYR A 84 21.61 -14.48 -22.61
CA TYR A 84 21.84 -15.70 -23.38
C TYR A 84 20.57 -16.51 -23.55
N GLU A 85 20.45 -17.21 -24.67
CA GLU A 85 19.31 -18.09 -24.89
C GLU A 85 19.38 -19.25 -23.90
N ASN A 86 20.55 -19.86 -23.82
CA ASN A 86 20.74 -21.04 -22.97
C ASN A 86 21.67 -20.79 -21.79
N ILE A 87 21.25 -21.25 -20.63
CA ILE A 87 22.05 -21.11 -19.42
C ILE A 87 21.93 -22.37 -18.54
N ARG A 88 23.02 -22.72 -17.88
CA ARG A 88 22.99 -23.84 -16.97
C ARG A 88 24.15 -23.72 -15.99
N LEU A 89 23.88 -24.08 -14.74
CA LEU A 89 24.95 -24.27 -13.78
C LEU A 89 25.63 -25.55 -14.20
N SER A 90 26.96 -25.56 -14.22
CA SER A 90 27.69 -26.75 -14.61
C SER A 90 27.28 -27.90 -13.69
N THR A 91 27.45 -29.12 -14.15
CA THR A 91 27.13 -30.26 -13.33
C THR A 91 28.34 -30.70 -12.49
N GLN A 92 29.54 -30.57 -13.03
CA GLN A 92 30.76 -30.91 -12.29
C GLN A 92 31.51 -29.69 -11.75
N ASN A 93 32.16 -29.85 -10.60
CA ASN A 93 32.94 -28.76 -10.01
C ASN A 93 34.12 -28.40 -10.92
N VAL A 94 34.42 -27.11 -11.04
CA VAL A 94 35.45 -26.66 -11.98
C VAL A 94 36.87 -26.84 -11.44
N ILE A 95 37.02 -26.88 -10.13
CA ILE A 95 38.27 -27.35 -9.53
C ILE A 95 37.96 -28.18 -8.29
N ASP A 96 38.94 -28.96 -7.85
CA ASP A 96 38.80 -29.63 -6.58
C ASP A 96 39.30 -28.65 -5.54
N ALA A 97 38.41 -28.27 -4.63
CA ALA A 97 38.71 -27.24 -3.64
C ALA A 97 39.64 -27.72 -2.56
N GLU A 98 39.43 -28.95 -2.09
CA GLU A 98 40.20 -29.45 -0.95
C GLU A 98 41.69 -29.62 -1.27
N LYS A 99 42.00 -29.92 -2.53
CA LYS A 99 43.39 -30.20 -2.96
C LYS A 99 44.00 -28.92 -3.55
N ALA A 100 43.31 -27.79 -3.40
CA ALA A 100 43.77 -26.62 -4.15
C ALA A 100 45.10 -26.14 -3.55
N PRO A 101 45.84 -25.32 -4.29
CA PRO A 101 47.05 -24.74 -3.69
C PRO A 101 46.74 -23.98 -2.40
N GLY A 102 47.57 -24.20 -1.38
CA GLY A 102 47.39 -23.51 -0.12
C GLY A 102 47.16 -24.47 1.03
N GLY A 103 47.61 -25.70 0.83
CA GLY A 103 47.47 -26.74 1.85
C GLY A 103 46.03 -27.18 1.92
N PRO A 104 45.78 -28.35 2.52
CA PRO A 104 44.47 -29.00 2.64
C PRO A 104 43.42 -28.04 3.20
N TYR A 105 42.22 -28.07 2.64
CA TYR A 105 41.13 -27.25 3.17
C TYR A 105 39.94 -28.08 3.58
N ARG A 106 39.32 -27.68 4.68
CA ARG A 106 37.96 -28.09 4.96
C ARG A 106 37.07 -27.05 4.24
N LEU A 107 35.94 -27.49 3.72
CA LEU A 107 35.04 -26.59 3.01
C LEU A 107 33.99 -26.07 3.96
N GLY A 108 34.03 -24.77 4.20
CA GLY A 108 33.18 -24.15 5.20
C GLY A 108 31.69 -24.16 4.85
N THR A 109 30.85 -24.09 5.88
CA THR A 109 29.41 -23.99 5.68
C THR A 109 28.84 -23.03 6.72
N SER A 110 27.61 -22.57 6.50
CA SER A 110 26.99 -21.60 7.39
C SER A 110 25.55 -21.91 7.72
N GLY A 111 25.16 -21.54 8.94
CA GLY A 111 23.77 -21.58 9.37
C GLY A 111 22.88 -20.58 8.62
N SER A 112 23.46 -19.59 7.97
CA SER A 112 22.65 -18.69 7.15
C SER A 112 22.24 -19.37 5.84
N CYS A 113 22.72 -20.58 5.60
CA CYS A 113 22.47 -21.23 4.32
C CYS A 113 21.79 -22.59 4.45
N PRO A 114 20.59 -22.64 5.04
CA PRO A 114 20.05 -23.98 5.27
C PRO A 114 19.61 -24.66 3.97
N ASN A 115 19.83 -25.98 3.93
CA ASN A 115 19.44 -26.82 2.81
C ASN A 115 18.09 -27.46 3.13
N ALA A 116 18.01 -28.78 3.03
CA ALA A 116 16.85 -29.50 3.53
C ALA A 116 17.38 -30.77 4.23
N THR A 117 18.64 -31.07 3.94
CA THR A 117 19.38 -32.14 4.58
C THR A 117 20.22 -31.54 5.70
N SER A 118 20.41 -30.22 5.63
CA SER A 118 21.26 -29.51 6.58
C SER A 118 20.66 -28.20 7.07
N LYS A 119 21.00 -27.83 8.30
CA LYS A 119 20.74 -26.46 8.78
C LYS A 119 21.91 -25.54 8.37
N SER A 120 22.89 -26.13 7.70
CA SER A 120 24.14 -25.48 7.44
C SER A 120 24.65 -25.85 6.05
N GLY A 121 25.01 -24.84 5.27
CA GLY A 121 25.50 -25.07 3.92
C GLY A 121 26.18 -23.87 3.31
N PHE A 122 26.23 -23.84 1.98
CA PHE A 122 26.92 -22.78 1.26
C PHE A 122 26.51 -22.74 -0.21
N PHE A 123 26.70 -21.59 -0.87
CA PHE A 123 26.44 -21.44 -2.30
C PHE A 123 27.13 -22.58 -3.08
N ALA A 124 26.50 -23.04 -4.15
CA ALA A 124 27.02 -24.16 -4.92
C ALA A 124 28.06 -23.68 -5.91
N THR A 125 28.06 -22.36 -6.16
CA THR A 125 29.04 -21.80 -7.08
C THR A 125 30.46 -21.69 -6.48
N MET A 126 30.58 -21.86 -5.16
CA MET A 126 31.80 -21.52 -4.45
C MET A 126 32.13 -22.51 -3.36
N ALA A 127 33.40 -22.59 -3.00
CA ALA A 127 33.82 -23.40 -1.87
C ALA A 127 34.60 -22.52 -0.91
N TRP A 128 34.10 -22.42 0.31
CA TRP A 128 34.70 -21.60 1.35
C TRP A 128 35.92 -22.36 1.90
N ALA A 129 37.09 -21.96 1.44
CA ALA A 129 38.31 -22.76 1.65
C ALA A 129 38.93 -22.44 3.00
N VAL A 130 38.61 -23.24 4.01
CA VAL A 130 39.14 -23.02 5.35
C VAL A 130 40.31 -23.97 5.59
N PRO A 131 41.47 -23.42 6.01
CA PRO A 131 42.64 -24.24 6.26
C PRO A 131 42.43 -25.19 7.42
N LYS A 132 42.95 -26.41 7.31
CA LYS A 132 42.95 -27.36 8.42
C LYS A 132 43.73 -26.81 9.60
N ASP A 133 43.45 -27.29 10.80
CA ASP A 133 44.11 -26.77 12.00
C ASP A 133 45.54 -27.30 12.21
N ASN A 134 46.47 -26.72 11.46
CA ASN A 134 47.92 -26.94 11.56
C ASN A 134 48.56 -26.26 10.37
N ASN A 135 47.70 -25.62 9.55
CA ASN A 135 48.08 -24.93 8.33
C ASN A 135 47.70 -23.47 8.45
N LYS A 136 46.82 -23.17 9.42
CA LYS A 136 46.33 -21.82 9.66
C LYS A 136 47.46 -20.84 9.94
N ASN A 137 47.89 -20.13 8.90
CA ASN A 137 48.85 -19.04 9.05
C ASN A 137 48.92 -18.25 7.75
N ALA A 138 49.68 -17.17 7.77
CA ALA A 138 49.83 -16.32 6.60
C ALA A 138 50.39 -17.16 5.45
N THR A 139 49.99 -16.82 4.24
CA THR A 139 50.51 -17.49 3.07
C THR A 139 50.95 -16.45 2.05
N ASN A 140 51.91 -16.83 1.23
CA ASN A 140 52.20 -16.04 0.06
C ASN A 140 51.09 -16.28 -0.96
N PRO A 141 50.84 -15.29 -1.84
CA PRO A 141 49.80 -15.42 -2.87
C PRO A 141 49.86 -16.79 -3.56
N LEU A 142 48.71 -17.46 -3.58
CA LEU A 142 48.58 -18.73 -4.26
C LEU A 142 47.99 -18.49 -5.66
N THR A 143 48.31 -19.37 -6.60
CA THR A 143 47.83 -19.23 -7.96
C THR A 143 47.09 -20.48 -8.37
N VAL A 144 45.83 -20.32 -8.78
CA VAL A 144 45.12 -21.44 -9.37
C VAL A 144 44.58 -21.11 -10.75
N GLU A 145 44.69 -22.08 -11.66
CA GLU A 145 44.08 -21.95 -12.99
C GLU A 145 42.69 -22.59 -13.02
N VAL A 146 41.75 -21.86 -13.60
CA VAL A 146 40.37 -22.32 -13.77
C VAL A 146 40.12 -22.74 -15.22
N PRO A 147 40.04 -24.05 -15.48
CA PRO A 147 39.86 -24.56 -16.85
C PRO A 147 38.48 -24.23 -17.39
N TYR A 148 38.31 -24.44 -18.69
CA TYR A 148 37.11 -24.01 -19.38
C TYR A 148 35.89 -24.85 -19.01
N ILE A 149 35.92 -26.14 -19.31
CA ILE A 149 34.86 -27.03 -18.81
C ILE A 149 33.41 -26.91 -19.36
N CYS A 150 33.10 -25.86 -20.12
CA CYS A 150 31.80 -25.79 -20.79
C CYS A 150 31.91 -26.44 -22.21
N THR A 151 30.82 -26.46 -22.99
CA THR A 151 30.89 -27.09 -24.32
C THR A 151 30.18 -26.30 -25.41
N GLU A 152 30.24 -26.82 -26.64
CA GLU A 152 29.95 -26.04 -27.83
C GLU A 152 30.65 -24.69 -27.70
N GLY A 153 30.00 -23.65 -28.21
CA GLY A 153 30.62 -22.35 -28.10
C GLY A 153 30.17 -21.64 -26.84
N GLU A 154 29.95 -22.38 -25.75
CA GLU A 154 29.46 -21.75 -24.53
C GLU A 154 30.40 -20.72 -23.91
N ASP A 155 29.86 -19.59 -23.51
CA ASP A 155 30.58 -18.73 -22.59
C ASP A 155 30.53 -19.37 -21.22
N GLN A 156 31.64 -19.29 -20.49
CA GLN A 156 31.65 -19.76 -19.13
C GLN A 156 31.81 -18.59 -18.18
N ILE A 157 30.84 -18.45 -17.27
CA ILE A 157 30.93 -17.42 -16.25
C ILE A 157 31.34 -18.09 -14.94
N THR A 158 32.46 -17.64 -14.38
CA THR A 158 33.04 -18.28 -13.21
C THR A 158 32.89 -17.39 -11.99
N VAL A 159 32.26 -17.93 -10.96
CA VAL A 159 31.94 -17.17 -9.77
C VAL A 159 32.91 -17.53 -8.63
N TRP A 160 33.40 -16.53 -7.92
CA TRP A 160 34.39 -16.79 -6.88
C TRP A 160 34.33 -15.62 -5.89
N GLY A 161 34.99 -15.75 -4.75
CA GLY A 161 35.07 -14.63 -3.85
C GLY A 161 36.06 -14.81 -2.74
N PHE A 162 35.88 -14.06 -1.67
CA PHE A 162 36.70 -14.24 -0.47
C PHE A 162 35.90 -13.85 0.73
N HIS A 163 36.11 -14.57 1.82
CA HIS A 163 35.48 -14.32 3.09
C HIS A 163 36.44 -13.53 3.98
N SER A 164 35.92 -12.51 4.66
CA SER A 164 36.71 -11.79 5.66
C SER A 164 35.97 -11.73 7.00
N ASP A 165 36.69 -11.40 8.07
CA ASP A 165 36.07 -11.27 9.40
C ASP A 165 36.75 -10.21 10.25
N ASP A 166 36.38 -10.10 11.54
CA ASP A 166 37.08 -9.16 12.42
C ASP A 166 38.38 -9.76 12.92
N LYS A 167 39.17 -8.95 13.61
CA LYS A 167 40.54 -9.30 13.96
C LYS A 167 40.66 -10.71 14.54
N THR A 168 39.96 -10.93 15.65
CA THR A 168 40.06 -12.18 16.38
C THR A 168 39.61 -13.40 15.54
N GLN A 169 38.46 -13.28 14.88
CA GLN A 169 37.91 -14.38 14.08
C GLN A 169 38.83 -14.81 12.93
N MET A 170 39.40 -13.82 12.24
CA MET A 170 40.37 -14.09 11.18
C MET A 170 41.49 -14.98 11.70
N LYS A 171 41.90 -14.75 12.94
CA LYS A 171 43.02 -15.48 13.54
C LYS A 171 42.67 -16.93 13.86
N ASN A 172 41.43 -17.19 14.22
CA ASN A 172 40.96 -18.56 14.44
C ASN A 172 40.86 -19.32 13.12
N LEU A 173 40.13 -18.75 12.16
CA LEU A 173 39.87 -19.38 10.87
C LEU A 173 41.13 -19.57 10.03
N TYR A 174 41.87 -18.49 9.84
CA TYR A 174 43.08 -18.51 9.05
C TYR A 174 44.13 -18.18 10.09
N GLY A 175 45.39 -18.07 9.75
CA GLY A 175 46.32 -17.76 10.82
C GLY A 175 46.80 -16.31 10.73
N ASP A 176 45.92 -15.44 10.26
CA ASP A 176 46.34 -14.12 9.79
C ASP A 176 45.23 -13.06 9.88
N SER A 177 45.47 -12.03 10.69
CA SER A 177 44.52 -10.94 10.90
C SER A 177 44.79 -9.76 9.99
N ASN A 178 45.74 -9.93 9.07
CA ASN A 178 46.04 -8.90 8.08
C ASN A 178 45.04 -8.95 6.94
N PRO A 179 44.73 -7.76 6.38
CA PRO A 179 43.93 -7.76 5.14
C PRO A 179 44.57 -8.71 4.13
N GLN A 180 43.77 -9.50 3.44
CA GLN A 180 44.27 -10.44 2.47
C GLN A 180 44.07 -9.87 1.08
N LYS A 181 44.88 -10.32 0.12
CA LYS A 181 44.84 -9.77 -1.26
C LYS A 181 44.34 -10.81 -2.26
N PHE A 182 43.73 -10.32 -3.33
CA PHE A 182 43.14 -11.22 -4.34
C PHE A 182 43.18 -10.64 -5.74
N THR A 183 43.39 -11.52 -6.72
CA THR A 183 43.29 -11.05 -8.09
C THR A 183 42.72 -12.07 -9.07
N SER A 184 41.84 -11.59 -9.94
CA SER A 184 41.28 -12.42 -10.99
C SER A 184 41.65 -11.86 -12.35
N SER A 185 41.81 -12.76 -13.31
CA SER A 185 42.23 -12.40 -14.65
C SER A 185 41.62 -13.42 -15.60
N ALA A 186 40.90 -12.92 -16.60
CA ALA A 186 40.22 -13.78 -17.56
C ALA A 186 39.80 -12.86 -18.68
N ASN A 187 39.91 -13.34 -19.92
CA ASN A 187 39.43 -12.60 -21.08
C ASN A 187 40.09 -11.23 -21.22
N GLY A 188 41.31 -11.11 -20.69
CA GLY A 188 42.03 -9.85 -20.75
C GLY A 188 41.60 -8.88 -19.68
N VAL A 189 40.65 -9.28 -18.85
CA VAL A 189 40.19 -8.41 -17.78
C VAL A 189 40.75 -8.84 -16.43
N THR A 190 41.40 -7.89 -15.78
CA THR A 190 42.10 -8.12 -14.53
C THR A 190 41.56 -7.18 -13.48
N THR A 191 41.27 -7.71 -12.30
CA THR A 191 40.77 -6.89 -11.22
C THR A 191 41.36 -7.34 -9.89
N HIS A 192 41.80 -6.35 -9.12
CA HIS A 192 42.47 -6.57 -7.85
C HIS A 192 41.54 -6.23 -6.68
N TYR A 193 41.70 -6.97 -5.59
CA TYR A 193 40.92 -6.77 -4.38
C TYR A 193 41.80 -6.87 -3.17
N VAL A 194 41.43 -6.15 -2.12
CA VAL A 194 42.05 -6.38 -0.82
C VAL A 194 40.98 -6.41 0.27
N SER A 195 41.02 -7.45 1.08
CA SER A 195 39.97 -7.66 2.05
C SER A 195 40.04 -6.61 3.17
N GLN A 196 38.97 -6.52 3.95
CA GLN A 196 38.88 -5.56 5.04
C GLN A 196 38.66 -6.30 6.36
N ILE A 197 39.21 -5.77 7.44
CA ILE A 197 39.14 -6.44 8.74
C ILE A 197 38.28 -5.67 9.71
N GLY A 198 37.16 -6.29 10.09
CA GLY A 198 36.19 -5.65 10.96
C GLY A 198 35.49 -4.46 10.31
N SER A 199 34.75 -3.72 11.12
CA SER A 199 34.05 -2.52 10.69
C SER A 199 33.28 -2.74 9.38
N PHE A 200 32.49 -3.81 9.36
CA PHE A 200 31.68 -4.17 8.20
C PHE A 200 30.35 -3.43 8.25
N PRO A 201 29.82 -3.05 7.08
CA PRO A 201 28.46 -2.48 7.03
C PRO A 201 27.38 -3.51 7.46
N ASP A 202 26.16 -3.04 7.68
CA ASP A 202 25.10 -3.92 8.17
C ASP A 202 24.73 -5.02 7.17
N GLN A 203 24.46 -6.21 7.70
CA GLN A 203 23.93 -7.33 6.94
C GLN A 203 22.64 -6.90 6.25
N THR A 204 22.47 -7.32 5.00
CA THR A 204 21.33 -6.93 4.18
C THR A 204 21.10 -8.05 3.15
N GLU A 205 19.84 -8.36 2.85
CA GLU A 205 19.53 -9.30 1.78
C GLU A 205 20.16 -10.67 2.03
N ASP A 206 20.19 -11.09 3.28
CA ASP A 206 20.88 -12.33 3.63
C ASP A 206 19.98 -13.23 4.49
N GLY A 207 20.54 -14.36 4.94
CA GLY A 207 19.81 -15.36 5.70
C GLY A 207 19.21 -14.92 7.02
N GLY A 208 19.64 -13.77 7.52
CA GLY A 208 19.04 -13.23 8.74
C GLY A 208 19.56 -13.80 10.06
N LEU A 209 20.55 -14.69 9.98
CA LEU A 209 21.30 -15.12 11.15
C LEU A 209 22.42 -14.08 11.35
N PRO A 210 22.68 -13.67 12.60
CA PRO A 210 23.77 -12.73 12.88
C PRO A 210 25.15 -13.31 12.54
N GLN A 211 25.95 -12.53 11.83
CA GLN A 211 27.23 -13.03 11.41
C GLN A 211 28.30 -11.95 11.60
N SER A 212 29.42 -12.38 12.14
CA SER A 212 30.58 -11.54 12.37
C SER A 212 31.22 -11.14 11.03
N GLY A 213 31.29 -12.06 10.08
CA GLY A 213 31.97 -11.82 8.83
C GLY A 213 31.12 -11.37 7.65
N ARG A 214 31.80 -11.15 6.53
CA ARG A 214 31.21 -10.74 5.26
C ARG A 214 31.90 -11.44 4.11
N ILE A 215 31.17 -11.54 3.02
CA ILE A 215 31.61 -12.21 1.82
C ILE A 215 31.65 -11.18 0.71
N VAL A 216 32.63 -11.29 -0.19
CA VAL A 216 32.67 -10.48 -1.39
C VAL A 216 32.67 -11.48 -2.53
N VAL A 217 31.92 -11.20 -3.60
CA VAL A 217 31.74 -12.15 -4.70
C VAL A 217 31.90 -11.50 -6.08
N ASP A 218 32.65 -12.14 -6.96
CA ASP A 218 32.78 -11.63 -8.33
C ASP A 218 32.55 -12.73 -9.37
N TYR A 219 32.39 -12.34 -10.61
CA TYR A 219 32.42 -13.34 -11.68
C TYR A 219 33.47 -12.92 -12.68
N MET A 220 34.12 -13.89 -13.30
CA MET A 220 34.96 -13.59 -14.45
C MET A 220 34.44 -14.32 -15.68
N MET A 221 34.47 -13.65 -16.83
CA MET A 221 33.99 -14.20 -18.11
C MET A 221 35.12 -14.98 -18.81
N GLN A 222 34.88 -16.25 -19.09
CA GLN A 222 35.87 -17.02 -19.85
C GLN A 222 35.25 -17.43 -21.18
N LYS A 223 35.81 -16.92 -22.27
CA LYS A 223 35.34 -17.25 -23.63
C LYS A 223 35.70 -18.71 -23.95
N PRO A 224 35.08 -19.29 -24.98
CA PRO A 224 35.32 -20.71 -25.29
C PRO A 224 36.78 -21.06 -25.44
N GLY A 225 37.17 -22.17 -24.82
CA GLY A 225 38.55 -22.63 -24.85
C GLY A 225 39.47 -21.92 -23.89
N LYS A 226 39.02 -20.77 -23.36
CA LYS A 226 39.92 -19.90 -22.58
C LYS A 226 39.90 -20.17 -21.08
N THR A 227 41.06 -19.99 -20.46
CA THR A 227 41.18 -20.21 -19.04
C THR A 227 40.96 -18.91 -18.23
N GLY A 228 40.81 -19.04 -16.91
CA GLY A 228 40.78 -17.90 -16.01
C GLY A 228 41.82 -18.12 -14.91
N THR A 229 42.24 -17.07 -14.24
CA THR A 229 43.22 -17.23 -13.16
C THR A 229 42.78 -16.51 -11.90
N ILE A 230 42.86 -17.20 -10.75
CA ILE A 230 42.68 -16.54 -9.47
C ILE A 230 43.97 -16.64 -8.67
N VAL A 231 44.44 -15.50 -8.19
CA VAL A 231 45.55 -15.44 -7.25
C VAL A 231 45.03 -14.99 -5.88
N TYR A 232 45.42 -15.67 -4.83
CA TYR A 232 44.69 -15.48 -3.59
C TYR A 232 45.49 -15.83 -2.36
N GLN A 233 45.07 -15.25 -1.25
CA GLN A 233 45.57 -15.68 0.07
C GLN A 233 44.46 -16.26 0.92
N ARG A 234 44.36 -15.84 2.18
CA ARG A 234 43.42 -16.50 3.09
C ARG A 234 41.98 -16.02 2.92
N GLY A 235 41.06 -16.98 3.03
CA GLY A 235 39.64 -16.71 3.01
C GLY A 235 38.95 -16.91 1.67
N VAL A 236 39.65 -17.51 0.71
CA VAL A 236 39.17 -17.53 -0.67
C VAL A 236 37.93 -18.41 -0.82
N LEU A 237 37.00 -17.93 -1.64
CA LEU A 237 35.93 -18.78 -2.12
C LEU A 237 36.31 -19.24 -3.51
N LEU A 238 36.70 -20.50 -3.64
CA LEU A 238 37.08 -21.08 -4.92
C LEU A 238 35.83 -21.43 -5.73
N PRO A 239 35.92 -21.28 -7.06
CA PRO A 239 34.74 -21.61 -7.86
C PRO A 239 34.48 -23.12 -7.87
N GLN A 240 33.22 -23.48 -8.03
CA GLN A 240 32.84 -24.87 -8.10
C GLN A 240 31.88 -25.07 -9.28
N LYS A 241 30.59 -24.91 -9.06
CA LYS A 241 29.67 -24.92 -10.16
C LYS A 241 29.77 -23.57 -10.85
N VAL A 242 30.01 -23.59 -12.16
CA VAL A 242 30.09 -22.38 -12.97
C VAL A 242 28.94 -22.28 -13.99
N TRP A 243 28.69 -21.08 -14.51
CA TRP A 243 27.64 -20.89 -15.50
C TRP A 243 28.16 -21.19 -16.91
N CYS A 244 27.33 -21.86 -17.70
CA CYS A 244 27.63 -22.09 -19.11
C CYS A 244 26.51 -21.46 -19.92
N ALA A 245 26.85 -20.70 -20.94
CA ALA A 245 25.89 -19.80 -21.53
C ALA A 245 26.12 -19.61 -23.02
N SER A 246 25.06 -19.75 -23.81
CA SER A 246 25.18 -19.63 -25.27
C SER A 246 23.94 -19.03 -25.92
N GLY A 247 24.08 -18.66 -27.19
CA GLY A 247 23.01 -18.04 -27.95
C GLY A 247 22.72 -16.66 -27.44
N ARG A 248 21.65 -16.06 -27.96
CA ARG A 248 21.27 -14.71 -27.57
C ARG A 248 19.77 -14.65 -27.33
N SER A 249 19.39 -13.92 -26.29
CA SER A 249 17.99 -13.60 -26.02
C SER A 249 17.80 -12.10 -26.17
N LYS A 250 16.67 -11.69 -26.74
CA LYS A 250 16.33 -10.28 -26.73
C LYS A 250 15.87 -9.94 -25.33
N VAL A 251 16.40 -8.86 -24.76
CA VAL A 251 15.93 -8.49 -23.43
C VAL A 251 15.12 -7.20 -23.50
N ILE A 252 14.06 -7.15 -22.71
CA ILE A 252 13.27 -5.93 -22.63
C ILE A 252 12.96 -5.59 -21.20
N LYS A 253 13.14 -4.32 -20.85
CA LYS A 253 12.74 -3.88 -19.53
C LYS A 253 11.23 -4.03 -19.40
N GLY A 254 10.80 -4.67 -18.34
CA GLY A 254 9.40 -4.87 -18.10
C GLY A 254 9.18 -5.48 -16.74
N SER A 255 8.02 -6.11 -16.59
CA SER A 255 7.59 -6.54 -15.27
C SER A 255 7.15 -7.98 -15.19
N LEU A 256 6.75 -8.40 -13.99
CA LEU A 256 6.33 -9.75 -13.70
C LEU A 256 5.20 -9.62 -12.70
N PRO A 257 4.20 -10.52 -12.77
CA PRO A 257 4.22 -11.74 -13.59
C PRO A 257 3.83 -11.51 -15.05
N LEU A 258 4.24 -12.45 -15.92
CA LEU A 258 3.85 -12.46 -17.33
C LEU A 258 2.47 -13.06 -17.43
N ILE A 259 1.49 -12.26 -17.84
CA ILE A 259 0.13 -12.75 -17.89
C ILE A 259 -0.42 -12.97 -19.30
N GLY A 260 -0.77 -14.21 -19.58
CA GLY A 260 -1.29 -14.55 -20.88
C GLY A 260 -0.27 -14.32 -21.96
N GLU A 261 -0.78 -14.07 -23.16
CA GLU A 261 0.01 -14.02 -24.36
C GLU A 261 -0.31 -12.76 -25.16
N ALA A 262 0.73 -12.13 -25.71
CA ALA A 262 0.59 -10.89 -26.48
C ALA A 262 1.42 -10.97 -27.76
N ASP A 263 1.01 -10.26 -28.80
CA ASP A 263 1.74 -10.23 -30.07
C ASP A 263 3.08 -9.57 -29.92
N CYS A 264 3.18 -8.69 -28.92
CA CYS A 264 4.24 -7.71 -28.88
C CYS A 264 4.49 -7.31 -27.43
N LEU A 265 5.73 -6.94 -27.09
CA LEU A 265 6.04 -6.46 -25.73
C LEU A 265 6.59 -5.05 -25.81
N HIS A 266 5.91 -4.12 -25.18
CA HIS A 266 6.26 -2.72 -25.33
C HIS A 266 6.75 -2.16 -23.99
N GLU A 267 7.86 -1.43 -24.00
CA GLU A 267 8.50 -1.03 -22.74
C GLU A 267 7.60 -0.14 -21.88
N LYS A 268 6.68 0.58 -22.50
CA LYS A 268 5.77 1.42 -21.73
C LYS A 268 4.36 0.86 -21.60
N TYR A 269 3.88 0.22 -22.65
CA TYR A 269 2.50 -0.24 -22.65
C TYR A 269 2.34 -1.70 -22.26
N GLY A 270 3.46 -2.41 -22.15
CA GLY A 270 3.40 -3.79 -21.71
C GLY A 270 2.95 -4.70 -22.82
N GLY A 271 2.20 -5.75 -22.48
CA GLY A 271 1.73 -6.69 -23.48
C GLY A 271 0.78 -6.03 -24.46
N LEU A 272 1.04 -6.23 -25.75
CA LEU A 272 0.28 -5.50 -26.75
C LEU A 272 -0.07 -6.37 -27.97
N ASN A 273 -1.36 -6.70 -28.12
CA ASN A 273 -1.85 -7.39 -29.32
C ASN A 273 -1.98 -6.47 -30.51
N LYS A 274 -1.74 -7.03 -31.69
CA LYS A 274 -1.72 -6.24 -32.91
C LYS A 274 -3.10 -6.11 -33.51
N SER A 275 -4.10 -5.97 -32.65
CA SER A 275 -5.50 -5.88 -33.08
C SER A 275 -5.69 -4.72 -34.06
N LYS A 276 -4.99 -3.62 -33.82
CA LYS A 276 -4.96 -2.49 -34.74
C LYS A 276 -3.53 -2.33 -35.28
N PRO A 277 -3.39 -1.80 -36.49
CA PRO A 277 -2.08 -1.76 -37.15
C PRO A 277 -1.15 -0.64 -36.70
N TYR A 278 -1.70 0.41 -36.09
CA TYR A 278 -0.89 1.57 -35.68
C TYR A 278 -1.22 1.96 -34.25
N TYR A 279 -0.30 2.68 -33.63
CA TYR A 279 -0.54 3.20 -32.29
C TYR A 279 0.16 4.54 -32.14
N THR A 280 -0.26 5.32 -31.15
CA THR A 280 0.38 6.60 -30.92
C THR A 280 0.90 6.64 -29.51
N GLY A 281 1.64 7.69 -29.20
CA GLY A 281 2.15 7.87 -27.86
C GLY A 281 3.65 7.73 -27.78
N GLU A 282 4.08 6.91 -26.82
CA GLU A 282 5.48 6.82 -26.46
C GLU A 282 6.21 5.79 -27.31
N HIS A 283 7.14 6.28 -28.13
CA HIS A 283 7.90 5.40 -29.00
C HIS A 283 9.02 4.65 -28.25
N ALA A 284 8.64 3.95 -27.18
CA ALA A 284 9.58 3.12 -26.43
C ALA A 284 10.14 1.94 -27.25
N LYS A 285 10.82 1.03 -26.56
CA LYS A 285 11.47 -0.09 -27.22
C LYS A 285 10.48 -1.24 -27.24
N ALA A 286 10.36 -1.92 -28.39
CA ALA A 286 9.42 -3.01 -28.50
C ALA A 286 10.01 -4.28 -29.12
N ILE A 287 9.41 -5.41 -28.75
CA ILE A 287 9.90 -6.74 -29.10
C ILE A 287 8.74 -7.53 -29.68
N GLY A 288 8.96 -8.23 -30.79
CA GLY A 288 7.95 -9.10 -31.37
C GLY A 288 7.17 -8.50 -32.51
N ASN A 289 5.99 -9.05 -32.77
CA ASN A 289 5.10 -8.59 -33.85
C ASN A 289 4.27 -7.38 -33.44
N CYS A 290 4.75 -6.19 -33.80
CA CYS A 290 4.32 -4.93 -33.17
C CYS A 290 3.57 -3.98 -34.11
N PRO A 291 2.57 -3.25 -33.59
CA PRO A 291 1.92 -2.18 -34.37
C PRO A 291 2.89 -1.03 -34.67
N ILE A 292 2.68 -0.28 -35.76
CA ILE A 292 3.56 0.81 -36.16
C ILE A 292 3.29 2.14 -35.44
N TRP A 293 4.30 2.69 -34.77
CA TRP A 293 4.15 3.98 -34.07
C TRP A 293 3.93 5.17 -35.02
N VAL A 294 3.08 6.10 -34.60
CA VAL A 294 2.71 7.27 -35.40
C VAL A 294 2.58 8.49 -34.50
N LYS A 295 2.94 9.67 -35.01
CA LYS A 295 2.68 10.92 -34.29
C LYS A 295 1.18 11.16 -34.13
N THR A 296 0.78 11.40 -32.88
CA THR A 296 -0.61 11.57 -32.44
C THR A 296 -1.69 11.77 -33.52
N GLN B 1 -11.90 17.22 -3.12
CA GLN B 1 -10.47 17.35 -3.42
C GLN B 1 -9.87 16.05 -3.96
N SER B 2 -10.68 15.00 -4.05
CA SER B 2 -10.23 13.73 -4.62
C SER B 2 -9.81 13.92 -6.08
N VAL B 3 -8.84 13.15 -6.53
CA VAL B 3 -8.31 13.34 -7.87
C VAL B 3 -9.36 12.88 -8.88
N LEU B 4 -10.02 11.76 -8.56
CA LEU B 4 -11.13 11.29 -9.37
C LEU B 4 -12.42 11.83 -8.76
N THR B 5 -13.31 12.32 -9.60
CA THR B 5 -14.54 12.92 -9.13
C THR B 5 -15.73 11.97 -9.25
N GLN B 6 -16.28 11.57 -8.11
CA GLN B 6 -17.48 10.74 -8.07
C GLN B 6 -18.61 11.50 -7.42
N PRO B 7 -19.82 11.42 -8.00
CA PRO B 7 -20.94 12.04 -7.27
C PRO B 7 -21.07 11.36 -5.91
N PRO B 8 -21.45 12.12 -4.88
CA PRO B 8 -21.61 11.49 -3.56
C PRO B 8 -22.79 10.51 -3.52
N SER B 9 -23.83 10.81 -4.29
CA SER B 9 -25.04 10.00 -4.27
C SER B 9 -25.55 9.53 -5.66
N ALA B 10 -26.03 8.29 -5.70
CA ALA B 10 -26.69 7.79 -6.87
C ALA B 10 -27.84 6.96 -6.34
N SER B 11 -28.94 6.94 -7.10
CA SER B 11 -30.15 6.24 -6.66
C SER B 11 -31.05 5.75 -7.80
N GLY B 12 -31.94 4.83 -7.47
CA GLY B 12 -32.92 4.33 -8.42
C GLY B 12 -33.89 3.43 -7.72
N THR B 13 -35.12 3.36 -8.22
CA THR B 13 -36.08 2.40 -7.70
C THR B 13 -35.62 1.01 -8.11
N PRO B 14 -35.96 -0.01 -7.31
CA PRO B 14 -35.59 -1.39 -7.61
C PRO B 14 -36.00 -1.80 -9.02
N GLY B 15 -35.06 -2.44 -9.73
CA GLY B 15 -35.32 -2.89 -11.08
C GLY B 15 -34.73 -1.97 -12.12
N GLN B 16 -34.58 -0.69 -11.77
CA GLN B 16 -34.04 0.32 -12.68
C GLN B 16 -32.54 0.19 -12.90
N ARG B 17 -32.04 0.88 -13.91
CA ARG B 17 -30.61 0.92 -14.19
C ARG B 17 -30.05 2.25 -13.77
N VAL B 18 -29.11 2.23 -12.83
CA VAL B 18 -28.48 3.48 -12.44
C VAL B 18 -27.01 3.47 -12.85
N THR B 19 -26.45 4.65 -13.03
CA THR B 19 -25.08 4.77 -13.45
C THR B 19 -24.32 5.62 -12.44
N ILE B 20 -23.04 5.33 -12.28
CA ILE B 20 -22.19 6.12 -11.42
C ILE B 20 -21.00 6.58 -12.24
N SER B 21 -20.81 7.89 -12.34
CA SER B 21 -19.73 8.42 -13.14
C SER B 21 -18.46 8.62 -12.33
N CYS B 22 -17.35 8.77 -13.03
CA CYS B 22 -16.07 8.94 -12.37
C CYS B 22 -15.16 9.73 -13.30
N SER B 23 -14.79 10.92 -12.85
CA SER B 23 -14.25 11.92 -13.74
C SER B 23 -12.80 12.25 -13.40
N GLY B 24 -11.90 12.01 -14.35
CA GLY B 24 -10.48 12.21 -14.08
C GLY B 24 -9.78 13.05 -15.12
N SER B 25 -8.52 12.71 -15.40
CA SER B 25 -7.75 13.45 -16.40
C SER B 25 -6.83 12.56 -17.24
N SER B 26 -5.97 13.20 -18.02
CA SER B 26 -5.14 12.45 -18.93
C SER B 26 -4.16 11.52 -18.20
N SER B 27 -3.56 12.02 -17.11
CA SER B 27 -2.58 11.26 -16.35
C SER B 27 -3.13 10.00 -15.68
N ASN B 28 -4.42 10.01 -15.32
CA ASN B 28 -5.03 8.84 -14.69
C ASN B 28 -5.99 8.05 -15.60
N ILE B 29 -7.29 8.33 -15.55
CA ILE B 29 -8.25 7.58 -16.34
C ILE B 29 -7.96 7.61 -17.86
N GLY B 30 -7.31 8.67 -18.32
CA GLY B 30 -7.06 8.81 -19.74
C GLY B 30 -6.09 7.79 -20.28
N THR B 31 -5.09 7.44 -19.48
CA THR B 31 -4.03 6.54 -19.93
C THR B 31 -3.98 5.24 -19.16
N ASN B 32 -4.90 5.04 -18.24
CA ASN B 32 -4.77 3.88 -17.36
C ASN B 32 -6.06 3.07 -17.22
N TYR B 33 -5.93 1.85 -16.71
CA TYR B 33 -7.11 1.03 -16.49
C TYR B 33 -7.88 1.49 -15.27
N VAL B 34 -9.20 1.35 -15.34
CA VAL B 34 -10.05 1.71 -14.22
C VAL B 34 -10.47 0.46 -13.45
N TYR B 35 -10.63 0.62 -12.14
CA TYR B 35 -11.04 -0.47 -11.28
C TYR B 35 -12.17 0.01 -10.41
N TRP B 36 -13.09 -0.88 -10.07
CA TRP B 36 -14.23 -0.52 -9.23
C TRP B 36 -14.30 -1.43 -8.00
N TYR B 37 -14.60 -0.82 -6.85
CA TYR B 37 -14.67 -1.56 -5.60
C TYR B 37 -16.01 -1.25 -4.96
N GLN B 38 -16.56 -2.23 -4.26
CA GLN B 38 -17.84 -2.10 -3.61
C GLN B 38 -17.62 -2.37 -2.14
N GLN B 39 -18.17 -1.53 -1.28
CA GLN B 39 -17.97 -1.66 0.14
C GLN B 39 -19.29 -1.56 0.87
N PHE B 40 -19.60 -2.60 1.65
CA PHE B 40 -20.71 -2.51 2.60
C PHE B 40 -20.12 -2.01 3.92
N PRO B 41 -20.92 -1.30 4.73
CA PRO B 41 -20.44 -0.71 5.99
C PRO B 41 -19.68 -1.69 6.88
N GLY B 42 -18.54 -1.25 7.39
CA GLY B 42 -17.71 -2.06 8.27
C GLY B 42 -17.21 -3.36 7.64
N THR B 43 -16.92 -3.34 6.34
CA THR B 43 -16.31 -4.48 5.67
C THR B 43 -15.21 -4.02 4.73
N ALA B 44 -14.39 -4.96 4.28
CA ALA B 44 -13.35 -4.68 3.31
C ALA B 44 -13.99 -4.34 1.98
N PRO B 45 -13.41 -3.39 1.24
CA PRO B 45 -13.90 -3.26 -0.13
C PRO B 45 -13.67 -4.54 -0.94
N LYS B 46 -14.51 -4.80 -1.93
CA LYS B 46 -14.35 -5.95 -2.81
C LYS B 46 -14.27 -5.55 -4.28
N LEU B 47 -13.37 -6.20 -5.01
CA LEU B 47 -13.16 -5.90 -6.42
C LEU B 47 -14.38 -6.32 -7.23
N LEU B 48 -14.92 -5.34 -7.96
CA LEU B 48 -16.19 -5.50 -8.63
C LEU B 48 -16.01 -5.48 -10.14
N ILE B 49 -15.13 -4.60 -10.62
CA ILE B 49 -14.80 -4.46 -12.03
C ILE B 49 -13.29 -4.27 -12.16
N TYR B 50 -12.66 -4.96 -13.10
CA TYR B 50 -11.23 -4.76 -13.24
C TYR B 50 -10.83 -4.53 -14.70
N ARG B 51 -9.76 -3.74 -14.89
CA ARG B 51 -9.29 -3.38 -16.22
C ARG B 51 -10.46 -2.79 -17.03
N SER B 52 -11.15 -1.83 -16.39
CA SER B 52 -12.21 -1.04 -16.99
C SER B 52 -13.51 -1.80 -17.31
N TYR B 53 -13.39 -3.01 -17.87
CA TYR B 53 -14.57 -3.73 -18.38
C TYR B 53 -14.83 -5.13 -17.80
N GLN B 54 -13.84 -5.73 -17.14
CA GLN B 54 -13.96 -7.11 -16.68
C GLN B 54 -14.74 -7.32 -15.39
N ARG B 55 -15.31 -8.52 -15.27
CA ARG B 55 -15.97 -8.96 -14.06
C ARG B 55 -15.20 -10.10 -13.40
N PRO B 56 -14.82 -9.93 -12.13
CA PRO B 56 -14.34 -11.05 -11.31
C PRO B 56 -15.42 -12.12 -11.22
N SER B 57 -15.04 -13.34 -10.85
CA SER B 57 -16.04 -14.39 -10.70
C SER B 57 -16.87 -14.14 -9.44
N GLY B 58 -18.18 -14.19 -9.60
CA GLY B 58 -19.10 -13.92 -8.51
C GLY B 58 -19.92 -12.70 -8.84
N VAL B 59 -19.29 -11.75 -9.50
CA VAL B 59 -19.92 -10.50 -9.90
C VAL B 59 -20.89 -10.69 -11.08
N PRO B 60 -22.20 -10.53 -10.82
CA PRO B 60 -23.21 -10.70 -11.88
C PRO B 60 -23.07 -9.74 -13.05
N ASP B 61 -23.57 -10.13 -14.21
CA ASP B 61 -23.53 -9.28 -15.42
C ASP B 61 -24.39 -8.02 -15.24
N ARG B 62 -25.13 -7.95 -14.15
CA ARG B 62 -25.85 -6.72 -13.79
C ARG B 62 -24.92 -5.51 -13.67
N PHE B 63 -23.68 -5.76 -13.24
CA PHE B 63 -22.69 -4.69 -13.11
C PHE B 63 -21.91 -4.54 -14.41
N SER B 64 -21.72 -3.31 -14.87
CA SER B 64 -21.07 -3.10 -16.15
C SER B 64 -20.14 -1.90 -16.12
N GLY B 65 -18.97 -2.07 -16.70
CA GLY B 65 -17.97 -1.01 -16.72
C GLY B 65 -17.85 -0.35 -18.07
N SER B 66 -17.60 0.95 -18.06
CA SER B 66 -17.54 1.73 -19.29
C SER B 66 -16.36 2.69 -19.14
N LYS B 67 -15.77 3.14 -20.26
CA LYS B 67 -14.70 4.15 -20.23
C LYS B 67 -14.64 4.95 -21.54
N SER B 68 -14.48 6.26 -21.41
CA SER B 68 -14.38 7.13 -22.56
C SER B 68 -13.52 8.34 -22.24
N GLY B 69 -12.35 8.43 -22.88
CA GLY B 69 -11.41 9.49 -22.59
C GLY B 69 -10.95 9.47 -21.14
N SER B 70 -11.15 10.57 -20.43
CA SER B 70 -10.67 10.69 -19.05
C SER B 70 -11.82 10.48 -18.07
N SER B 71 -12.84 9.76 -18.50
CA SER B 71 -13.96 9.48 -17.61
C SER B 71 -14.38 8.03 -17.73
N ALA B 72 -14.72 7.43 -16.60
CA ALA B 72 -15.21 6.06 -16.60
C ALA B 72 -16.58 6.07 -15.97
N SER B 73 -17.29 4.94 -16.02
CA SER B 73 -18.63 4.89 -15.46
C SER B 73 -19.00 3.46 -15.06
N LEU B 74 -19.72 3.34 -13.95
CA LEU B 74 -20.22 2.04 -13.50
C LEU B 74 -21.73 2.00 -13.72
N ALA B 75 -22.23 0.99 -14.42
CA ALA B 75 -23.66 0.84 -14.60
C ALA B 75 -24.22 -0.36 -13.81
N ILE B 76 -25.20 -0.11 -12.94
CA ILE B 76 -25.85 -1.20 -12.22
C ILE B 76 -27.30 -1.39 -12.70
N SER B 77 -27.54 -2.46 -13.43
CA SER B 77 -28.89 -2.68 -13.99
C SER B 77 -29.66 -3.68 -13.15
N GLY B 78 -31.00 -3.67 -13.26
CA GLY B 78 -31.83 -4.58 -12.51
C GLY B 78 -31.70 -4.37 -11.01
N LEU B 79 -31.53 -3.10 -10.62
CA LEU B 79 -31.16 -2.70 -9.26
C LEU B 79 -31.88 -3.46 -8.15
N GLN B 80 -31.10 -3.96 -7.20
CA GLN B 80 -31.64 -4.74 -6.09
C GLN B 80 -31.16 -4.24 -4.74
N SER B 81 -31.91 -4.59 -3.70
CA SER B 81 -31.70 -4.07 -2.36
C SER B 81 -30.29 -4.35 -1.84
N GLU B 82 -29.72 -5.47 -2.24
CA GLU B 82 -28.38 -5.86 -1.78
C GLU B 82 -27.25 -5.10 -2.50
N ASP B 83 -27.62 -4.22 -3.42
CA ASP B 83 -26.62 -3.38 -4.08
C ASP B 83 -26.41 -2.07 -3.34
N GLU B 84 -27.21 -1.83 -2.30
CA GLU B 84 -26.95 -0.71 -1.41
C GLU B 84 -25.54 -0.81 -0.80
N ALA B 85 -24.66 0.10 -1.23
CA ALA B 85 -23.28 0.14 -0.77
C ALA B 85 -22.59 1.41 -1.24
N ASP B 86 -21.27 1.43 -1.10
CA ASP B 86 -20.46 2.54 -1.57
C ASP B 86 -19.59 2.05 -2.72
N TYR B 87 -19.48 2.83 -3.76
CA TYR B 87 -18.74 2.36 -4.93
C TYR B 87 -17.58 3.30 -5.24
N TYR B 88 -16.38 2.72 -5.33
CA TYR B 88 -15.15 3.51 -5.48
C TYR B 88 -14.47 3.17 -6.81
N CYS B 89 -14.11 4.18 -7.57
CA CYS B 89 -13.28 3.96 -8.75
C CYS B 89 -11.83 4.25 -8.39
N ALA B 90 -10.91 3.51 -9.02
CA ALA B 90 -9.46 3.65 -8.81
C ALA B 90 -8.70 3.42 -10.11
N THR B 91 -7.66 4.22 -10.33
CA THR B 91 -6.76 4.09 -11.48
C THR B 91 -5.39 4.56 -11.05
N TRP B 92 -4.35 4.21 -11.78
CA TRP B 92 -3.02 4.70 -11.44
C TRP B 92 -2.93 6.09 -12.00
N ASP B 93 -2.16 6.95 -11.31
CA ASP B 93 -1.94 8.31 -11.83
C ASP B 93 -0.46 8.58 -12.04
N ASP B 94 -0.08 8.73 -13.32
CA ASP B 94 1.31 8.84 -13.70
C ASP B 94 1.93 10.16 -13.24
N SER B 95 1.08 11.13 -12.93
CA SER B 95 1.54 12.43 -12.49
C SER B 95 1.89 12.44 -11.00
N LEU B 96 1.19 11.64 -10.21
CA LEU B 96 1.38 11.63 -8.76
C LEU B 96 2.17 10.40 -8.33
N ASP B 97 2.56 9.50 -9.33
CA ASP B 97 3.34 8.28 -9.11
C ASP B 97 2.71 7.38 -8.04
N GLY B 98 1.32 7.19 -8.09
CA GLY B 98 0.62 6.31 -7.19
C GLY B 98 -0.83 6.12 -7.55
N TRP B 99 -1.47 5.10 -6.95
CA TRP B 99 -2.90 4.85 -7.16
C TRP B 99 -3.78 6.01 -6.67
N VAL B 100 -4.92 6.24 -7.33
CA VAL B 100 -5.85 7.27 -6.84
C VAL B 100 -7.28 6.75 -6.72
N PHE B 101 -7.98 7.21 -5.69
CA PHE B 101 -9.38 6.81 -5.51
C PHE B 101 -10.37 7.94 -5.65
N GLY B 102 -11.51 7.64 -6.25
CA GLY B 102 -12.63 8.55 -6.26
C GLY B 102 -13.16 8.69 -4.84
N GLY B 103 -13.97 9.73 -4.60
CA GLY B 103 -14.51 10.00 -3.29
C GLY B 103 -15.48 8.93 -2.81
N GLY B 104 -16.01 8.16 -3.73
CA GLY B 104 -16.97 7.13 -3.39
C GLY B 104 -18.36 7.68 -3.54
N THR B 105 -19.22 6.92 -4.21
CA THR B 105 -20.63 7.22 -4.39
C THR B 105 -21.45 6.28 -3.54
N LYS B 106 -22.40 6.81 -2.79
CA LYS B 106 -23.32 5.94 -2.05
C LYS B 106 -24.53 5.61 -2.93
N LEU B 107 -24.80 4.31 -3.14
CA LEU B 107 -25.94 3.88 -3.94
C LEU B 107 -27.14 3.58 -3.05
N THR B 108 -28.22 4.34 -3.22
CA THR B 108 -29.42 4.06 -2.48
C THR B 108 -30.49 3.60 -3.45
N VAL B 109 -31.07 2.44 -3.18
CA VAL B 109 -32.20 1.98 -3.97
C VAL B 109 -33.39 2.49 -3.19
N LEU B 110 -34.10 3.44 -3.77
CA LEU B 110 -35.15 4.12 -3.03
C LEU B 110 -36.25 3.15 -2.67
N ARG B 111 -36.71 3.23 -1.43
CA ARG B 111 -37.92 2.53 -1.02
C ARG B 111 -38.85 3.52 -0.34
N GLN B 112 -38.68 4.77 -0.75
CA GLN B 112 -39.29 5.89 -0.07
C GLN B 112 -39.22 7.09 -1.00
N PRO B 113 -40.19 8.00 -0.91
CA PRO B 113 -40.02 9.22 -1.72
C PRO B 113 -38.88 10.10 -1.22
N LYS B 114 -38.14 10.66 -2.18
CA LYS B 114 -37.09 11.63 -1.89
C LYS B 114 -37.66 12.77 -1.07
N ALA B 115 -36.99 13.10 0.03
CA ALA B 115 -37.40 14.17 0.92
C ALA B 115 -36.25 15.14 1.19
N ALA B 116 -36.57 16.44 1.16
CA ALA B 116 -35.60 17.47 1.44
C ALA B 116 -35.32 17.56 2.95
N PRO B 117 -34.12 18.01 3.32
CA PRO B 117 -33.71 18.10 4.74
C PRO B 117 -34.29 19.30 5.51
N SER B 118 -34.65 19.06 6.76
CA SER B 118 -34.94 20.16 7.68
C SER B 118 -33.64 20.61 8.32
N VAL B 119 -33.47 21.93 8.41
CA VAL B 119 -32.25 22.52 8.92
C VAL B 119 -32.58 23.51 10.02
N THR B 120 -31.89 23.38 11.15
CA THR B 120 -32.03 24.32 12.24
C THR B 120 -30.64 24.67 12.79
N LEU B 121 -30.39 25.97 12.92
CA LEU B 121 -29.05 26.46 13.23
C LEU B 121 -28.98 27.16 14.59
N PHE B 122 -28.18 26.64 15.49
CA PHE B 122 -28.08 27.23 16.83
C PHE B 122 -26.85 28.13 17.01
N PRO B 123 -27.07 29.36 17.48
CA PRO B 123 -25.91 30.18 17.78
C PRO B 123 -25.32 29.65 19.08
N PRO B 124 -24.11 30.11 19.48
CA PRO B 124 -23.56 29.71 20.79
C PRO B 124 -24.46 30.21 21.91
N SER B 125 -24.57 29.45 22.99
CA SER B 125 -25.27 29.88 24.17
C SER B 125 -24.51 30.98 24.90
N SER B 126 -25.22 31.76 25.70
CA SER B 126 -24.59 32.72 26.57
C SER B 126 -23.66 31.99 27.52
N GLU B 127 -24.09 30.82 28.00
CA GLU B 127 -23.30 30.01 28.92
C GLU B 127 -21.94 29.67 28.31
N GLU B 128 -21.95 29.27 27.04
CA GLU B 128 -20.73 28.82 26.39
C GLU B 128 -19.77 29.96 26.13
N LEU B 129 -20.33 31.12 25.83
CA LEU B 129 -19.53 32.30 25.54
C LEU B 129 -18.84 32.82 26.81
N GLN B 130 -19.47 32.59 27.96
CA GLN B 130 -18.88 32.96 29.23
C GLN B 130 -17.69 32.06 29.54
N ALA B 131 -17.73 30.83 29.03
CA ALA B 131 -16.59 29.94 29.15
C ALA B 131 -15.60 30.20 28.03
N ASN B 132 -15.77 31.36 27.39
CA ASN B 132 -14.87 31.80 26.33
C ASN B 132 -14.83 30.87 25.12
N LYS B 133 -15.92 30.17 24.87
CA LYS B 133 -16.00 29.26 23.73
C LYS B 133 -17.18 29.68 22.85
N ALA B 134 -17.21 29.19 21.62
CA ALA B 134 -18.37 29.42 20.77
C ALA B 134 -18.53 28.29 19.75
N THR B 135 -19.73 27.74 19.67
CA THR B 135 -20.00 26.71 18.70
C THR B 135 -21.33 27.01 18.00
N LEU B 136 -21.32 26.90 16.67
CA LEU B 136 -22.53 27.00 15.88
C LEU B 136 -23.01 25.61 15.63
N VAL B 137 -24.28 25.34 15.91
CA VAL B 137 -24.81 23.99 15.74
C VAL B 137 -25.84 23.91 14.62
N CYS B 138 -25.50 23.16 13.58
CA CYS B 138 -26.41 23.01 12.46
C CYS B 138 -26.94 21.56 12.39
N LEU B 139 -28.22 21.40 12.69
CA LEU B 139 -28.82 20.07 12.71
C LEU B 139 -29.70 19.80 11.49
N ILE B 140 -29.44 18.66 10.88
CA ILE B 140 -30.02 18.31 9.60
C ILE B 140 -30.80 17.01 9.76
N SER B 141 -32.07 17.03 9.38
CA SER B 141 -32.94 15.90 9.65
C SER B 141 -33.99 15.74 8.59
N ASP B 142 -34.53 14.51 8.50
CA ASP B 142 -35.65 14.18 7.61
C ASP B 142 -35.34 14.17 6.12
N PHE B 143 -34.09 13.93 5.76
CA PHE B 143 -33.74 13.90 4.34
C PHE B 143 -33.50 12.47 3.87
N TYR B 144 -33.83 12.20 2.61
CA TYR B 144 -33.68 10.88 2.02
C TYR B 144 -33.50 11.06 0.51
N PRO B 145 -32.51 10.39 -0.10
CA PRO B 145 -31.60 9.46 0.58
C PRO B 145 -30.52 10.17 1.39
N GLY B 146 -29.82 9.41 2.21
CA GLY B 146 -28.95 9.97 3.22
C GLY B 146 -27.61 10.44 2.69
N ALA B 147 -27.64 11.53 1.95
CA ALA B 147 -26.41 12.14 1.48
C ALA B 147 -26.60 13.65 1.39
N VAL B 148 -25.80 14.38 2.15
CA VAL B 148 -25.81 15.84 2.08
C VAL B 148 -24.38 16.35 2.09
N THR B 149 -24.18 17.54 1.52
CA THR B 149 -22.93 18.25 1.73
C THR B 149 -23.22 19.54 2.48
N VAL B 150 -22.31 19.93 3.37
CA VAL B 150 -22.51 21.11 4.19
C VAL B 150 -21.49 22.19 3.88
N ALA B 151 -21.93 23.44 3.73
CA ALA B 151 -20.99 24.56 3.61
C ALA B 151 -21.31 25.68 4.60
N TRP B 152 -20.28 26.34 5.10
CA TRP B 152 -20.48 27.43 6.06
C TRP B 152 -20.06 28.77 5.48
N LYS B 153 -20.64 29.85 6.00
CA LYS B 153 -20.31 31.19 5.53
C LYS B 153 -20.12 32.11 6.72
N ALA B 154 -19.07 32.91 6.66
CA ALA B 154 -18.91 34.08 7.53
C ALA B 154 -19.38 35.27 6.71
N ASP B 155 -20.46 35.92 7.14
CA ASP B 155 -21.20 36.81 6.27
C ASP B 155 -21.47 36.05 4.98
N SER B 156 -20.77 36.42 3.92
CA SER B 156 -20.97 35.82 2.60
C SER B 156 -19.70 35.18 2.04
N SER B 157 -18.68 34.98 2.86
CA SER B 157 -17.47 34.32 2.40
C SER B 157 -17.30 32.97 3.09
N PRO B 158 -16.84 31.95 2.35
CA PRO B 158 -16.75 30.57 2.85
C PRO B 158 -15.83 30.42 4.05
N VAL B 159 -16.15 29.47 4.92
CA VAL B 159 -15.25 29.09 6.02
C VAL B 159 -15.05 27.59 5.98
N LYS B 160 -13.79 27.16 6.09
CA LYS B 160 -13.48 25.72 6.06
C LYS B 160 -12.80 25.25 7.34
N ALA B 161 -12.30 26.20 8.12
CA ALA B 161 -11.57 25.89 9.34
C ALA B 161 -12.48 25.74 10.55
N GLY B 162 -12.32 24.62 11.26
CA GLY B 162 -13.06 24.39 12.48
C GLY B 162 -14.44 23.85 12.21
N VAL B 163 -14.57 23.08 11.13
CA VAL B 163 -15.84 22.49 10.72
C VAL B 163 -15.80 20.98 10.93
N GLU B 164 -16.80 20.46 11.62
CA GLU B 164 -16.91 19.03 11.85
C GLU B 164 -18.33 18.58 11.53
N THR B 165 -18.44 17.78 10.47
CA THR B 165 -19.70 17.20 10.04
C THR B 165 -19.66 15.71 10.28
N THR B 166 -20.76 15.15 10.79
CA THR B 166 -20.88 13.72 10.98
C THR B 166 -21.34 13.09 9.68
N THR B 167 -20.98 11.83 9.49
CA THR B 167 -21.63 11.00 8.48
C THR B 167 -23.10 10.99 8.82
N PRO B 168 -23.97 10.85 7.81
CA PRO B 168 -25.41 10.87 8.10
C PRO B 168 -25.83 9.56 8.76
N SER B 169 -26.87 9.62 9.57
CA SER B 169 -27.32 8.42 10.27
C SER B 169 -28.79 8.13 10.02
N LYS B 170 -29.05 6.91 9.58
CA LYS B 170 -30.39 6.40 9.46
C LYS B 170 -31.11 6.66 10.77
N GLN B 171 -32.31 7.24 10.70
CA GLN B 171 -33.00 7.63 11.92
C GLN B 171 -34.29 6.88 12.13
N SER B 172 -35.14 7.46 12.98
CA SER B 172 -36.34 6.82 13.53
C SER B 172 -37.37 6.33 12.50
N ASN B 173 -37.26 6.78 11.26
CA ASN B 173 -38.26 6.49 10.24
C ASN B 173 -37.64 6.10 8.90
N ASN B 174 -36.41 5.58 8.97
CA ASN B 174 -35.61 5.23 7.79
C ASN B 174 -35.23 6.40 6.87
N LYS B 175 -35.57 7.61 7.31
CA LYS B 175 -34.99 8.83 6.76
C LYS B 175 -33.59 9.05 7.36
N TYR B 176 -32.98 10.19 7.07
CA TYR B 176 -31.60 10.38 7.50
C TYR B 176 -31.40 11.72 8.19
N ALA B 177 -30.40 11.77 9.05
CA ALA B 177 -30.05 12.98 9.78
C ALA B 177 -28.54 13.06 9.95
N ALA B 178 -28.06 14.26 10.28
CA ALA B 178 -26.64 14.49 10.39
C ALA B 178 -26.47 15.81 11.08
N SER B 179 -25.24 16.10 11.50
CA SER B 179 -24.98 17.32 12.20
C SER B 179 -23.69 17.92 11.71
N SER B 180 -23.49 19.21 12.01
CA SER B 180 -22.27 19.91 11.64
C SER B 180 -22.05 21.03 12.64
N TYR B 181 -20.79 21.28 12.99
CA TYR B 181 -20.43 22.26 14.00
C TYR B 181 -19.38 23.20 13.44
N LEU B 182 -19.46 24.46 13.83
CA LEU B 182 -18.47 25.44 13.45
C LEU B 182 -17.92 26.06 14.71
N SER B 183 -16.69 25.69 15.07
CA SER B 183 -16.06 26.19 16.29
C SER B 183 -15.42 27.54 16.07
N LEU B 184 -15.71 28.47 16.97
CA LEU B 184 -15.25 29.84 16.81
C LEU B 184 -14.73 30.35 18.13
N THR B 185 -13.90 31.38 18.07
CA THR B 185 -13.60 32.16 19.25
C THR B 185 -14.71 33.20 19.35
N PRO B 186 -15.02 33.65 20.57
CA PRO B 186 -16.03 34.70 20.72
C PRO B 186 -15.64 35.94 19.90
N GLU B 187 -14.33 36.17 19.81
CA GLU B 187 -13.74 37.21 18.99
C GLU B 187 -14.29 37.13 17.56
N GLN B 188 -14.16 35.96 16.95
CA GLN B 188 -14.64 35.75 15.57
C GLN B 188 -16.15 35.95 15.47
N TRP B 189 -16.87 35.23 16.31
CA TRP B 189 -18.32 35.32 16.38
C TRP B 189 -18.82 36.77 16.43
N LYS B 190 -18.21 37.59 17.27
CA LYS B 190 -18.61 38.99 17.36
C LYS B 190 -18.32 39.85 16.12
N SER B 191 -17.34 39.44 15.31
CA SER B 191 -16.86 40.28 14.21
C SER B 191 -17.62 40.17 12.89
N HIS B 192 -18.67 39.38 12.86
CA HIS B 192 -19.41 39.18 11.62
C HIS B 192 -20.87 39.60 11.78
N ARG B 193 -21.46 40.07 10.68
CA ARG B 193 -22.87 40.44 10.71
C ARG B 193 -23.72 39.18 10.85
N SER B 194 -23.26 38.10 10.23
CA SER B 194 -24.06 36.88 10.16
C SER B 194 -23.23 35.65 9.82
N TYR B 195 -23.79 34.49 10.11
CA TYR B 195 -23.16 33.22 9.79
C TYR B 195 -24.18 32.31 9.15
N SER B 196 -23.73 31.47 8.22
CA SER B 196 -24.67 30.58 7.55
C SER B 196 -24.25 29.12 7.47
N CYS B 197 -25.26 28.26 7.56
CA CYS B 197 -25.11 26.83 7.35
C CYS B 197 -25.99 26.49 6.16
N GLN B 198 -25.37 26.11 5.05
CA GLN B 198 -26.12 25.67 3.88
C GLN B 198 -25.90 24.17 3.59
N VAL B 199 -27.02 23.47 3.44
CA VAL B 199 -27.04 22.03 3.27
C VAL B 199 -27.50 21.68 1.86
N THR B 200 -26.59 21.15 1.05
CA THR B 200 -26.94 20.69 -0.31
C THR B 200 -27.38 19.22 -0.32
N HIS B 201 -28.53 18.97 -0.92
CA HIS B 201 -29.12 17.64 -0.97
C HIS B 201 -29.88 17.43 -2.27
N GLU B 202 -29.38 16.51 -3.10
CA GLU B 202 -29.95 16.21 -4.42
C GLU B 202 -29.92 17.43 -5.34
N GLY B 203 -28.82 18.17 -5.31
CA GLY B 203 -28.69 19.37 -6.13
C GLY B 203 -29.68 20.45 -5.74
N SER B 204 -29.79 20.71 -4.45
CA SER B 204 -30.73 21.67 -3.95
C SER B 204 -30.29 22.08 -2.55
N THR B 205 -30.18 23.37 -2.33
CA THR B 205 -29.58 23.86 -1.09
C THR B 205 -30.60 24.50 -0.17
N VAL B 206 -30.55 24.13 1.10
CA VAL B 206 -31.40 24.71 2.14
C VAL B 206 -30.48 25.46 3.09
N GLU B 207 -30.73 26.74 3.27
CA GLU B 207 -29.84 27.60 4.04
C GLU B 207 -30.48 28.13 5.33
N LYS B 208 -29.67 28.27 6.37
CA LYS B 208 -30.09 28.88 7.63
C LYS B 208 -29.03 29.85 8.15
N THR B 209 -29.49 30.98 8.68
CA THR B 209 -28.59 32.07 9.05
C THR B 209 -28.73 32.57 10.50
N VAL B 210 -27.62 32.81 11.19
CA VAL B 210 -27.68 33.47 12.51
C VAL B 210 -26.92 34.80 12.53
N ALA B 211 -27.38 35.74 13.35
CA ALA B 211 -26.70 37.00 13.51
C ALA B 211 -26.39 37.21 14.98
N PRO B 212 -25.12 37.49 15.31
CA PRO B 212 -24.63 37.71 16.68
C PRO B 212 -25.45 38.74 17.46
N THR B 213 -25.93 39.77 16.76
CA THR B 213 -26.63 40.88 17.37
C THR B 213 -28.09 40.59 17.73
N GLU B 214 -28.71 39.62 17.09
CA GLU B 214 -30.14 39.39 17.34
C GLU B 214 -30.39 38.32 18.39
N CYS B 215 -31.57 38.37 19.00
CA CYS B 215 -31.96 37.34 19.96
C CYS B 215 -33.32 36.77 19.58
N GLN C 1 -7.80 -21.34 -0.55
CA GLN C 1 -8.51 -20.08 -0.35
C GLN C 1 -7.57 -18.92 0.02
N VAL C 2 -7.55 -17.91 -0.84
CA VAL C 2 -6.75 -16.71 -0.62
C VAL C 2 -7.13 -15.97 0.66
N GLN C 3 -6.22 -15.97 1.63
CA GLN C 3 -6.45 -15.32 2.93
C GLN C 3 -5.43 -14.23 3.26
N LEU C 4 -5.90 -13.19 3.93
CA LEU C 4 -5.02 -12.20 4.55
C LEU C 4 -5.49 -11.97 5.99
N VAL C 5 -4.58 -12.15 6.95
CA VAL C 5 -4.92 -11.93 8.35
C VAL C 5 -3.99 -10.90 9.01
N GLN C 6 -4.59 -9.86 9.57
CA GLN C 6 -3.83 -8.76 10.16
C GLN C 6 -3.68 -8.82 11.68
N SER C 7 -2.78 -8.02 12.21
CA SER C 7 -2.63 -7.90 13.67
C SER C 7 -3.83 -7.18 14.30
N GLY C 8 -3.93 -7.26 15.63
CA GLY C 8 -5.06 -6.70 16.35
C GLY C 8 -5.14 -5.18 16.29
N ALA C 9 -6.29 -4.65 16.68
CA ALA C 9 -6.52 -3.21 16.78
C ALA C 9 -5.45 -2.56 17.63
N GLU C 10 -5.07 -1.33 17.31
CA GLU C 10 -4.02 -0.62 18.05
C GLU C 10 -4.51 0.75 18.53
N VAL C 11 -4.00 1.20 19.68
CA VAL C 11 -4.21 2.58 20.11
C VAL C 11 -2.91 3.22 20.58
N LYS C 12 -2.62 4.42 20.09
CA LYS C 12 -1.32 5.06 20.28
C LYS C 12 -1.42 6.56 20.57
N LYS C 13 -0.48 7.07 21.37
CA LYS C 13 -0.38 8.51 21.59
C LYS C 13 0.22 9.15 20.35
N PRO C 14 -0.12 10.41 20.09
CA PRO C 14 0.47 11.10 18.94
C PRO C 14 1.98 11.13 19.07
N GLY C 15 2.70 10.87 17.98
CA GLY C 15 4.16 10.91 17.99
C GLY C 15 4.84 9.54 18.04
N ALA C 16 4.14 8.53 18.55
CA ALA C 16 4.66 7.17 18.53
C ALA C 16 4.45 6.55 17.13
N SER C 17 4.76 5.27 17.01
CA SER C 17 4.61 4.58 15.74
C SER C 17 3.81 3.27 15.87
N VAL C 18 3.30 2.75 14.75
CA VAL C 18 2.59 1.47 14.73
C VAL C 18 3.19 0.55 13.71
N ARG C 19 3.27 -0.72 14.04
CA ARG C 19 3.64 -1.74 13.07
C ARG C 19 2.42 -2.65 12.91
N VAL C 20 1.87 -2.69 11.70
CA VAL C 20 0.72 -3.56 11.44
C VAL C 20 1.17 -4.78 10.64
N SER C 21 0.67 -5.94 11.03
CA SER C 21 1.10 -7.18 10.40
C SER C 21 0.07 -7.69 9.42
N CYS C 22 0.53 -8.41 8.39
CA CYS C 22 -0.35 -8.96 7.38
C CYS C 22 0.19 -10.34 6.96
N ARG C 23 -0.43 -11.41 7.44
CA ARG C 23 0.00 -12.77 7.11
C ARG C 23 -0.76 -13.32 5.90
N ALA C 24 -0.06 -13.96 4.99
CA ALA C 24 -0.68 -14.42 3.74
C ALA C 24 -0.88 -15.92 3.64
N SER C 25 -1.97 -16.33 2.99
CA SER C 25 -2.34 -17.76 2.83
C SER C 25 -2.98 -18.06 1.47
N GLY C 26 -2.73 -19.26 0.96
CA GLY C 26 -3.53 -19.80 -0.14
C GLY C 26 -3.09 -19.42 -1.53
N TYR C 27 -1.94 -18.77 -1.63
CA TYR C 27 -1.34 -18.47 -2.91
C TYR C 27 0.18 -18.38 -2.74
N ILE C 28 0.89 -18.32 -3.86
CA ILE C 28 2.34 -18.28 -3.80
C ILE C 28 2.83 -16.85 -3.51
N PHE C 29 3.01 -16.59 -2.22
CA PHE C 29 3.40 -15.29 -1.70
C PHE C 29 4.57 -14.66 -2.46
N THR C 30 5.55 -15.48 -2.83
CA THR C 30 6.76 -14.99 -3.47
C THR C 30 6.53 -14.62 -4.94
N GLU C 31 5.31 -14.82 -5.43
CA GLU C 31 4.99 -14.29 -6.75
C GLU C 31 3.74 -13.40 -6.72
N SER C 32 3.76 -12.46 -5.80
CA SER C 32 2.72 -11.45 -5.64
C SER C 32 3.30 -10.32 -4.82
N GLY C 33 2.47 -9.35 -4.49
CA GLY C 33 2.91 -8.26 -3.65
C GLY C 33 1.81 -7.88 -2.70
N ILE C 34 2.12 -6.94 -1.81
CA ILE C 34 1.12 -6.36 -0.93
C ILE C 34 1.05 -4.86 -1.17
N THR C 35 -0.17 -4.35 -1.33
CA THR C 35 -0.42 -2.91 -1.13
C THR C 35 -1.11 -2.69 0.19
N TRP C 36 -1.06 -1.45 0.65
CA TRP C 36 -1.75 -1.03 1.86
C TRP C 36 -2.59 0.15 1.48
N VAL C 37 -3.81 0.19 2.00
CA VAL C 37 -4.74 1.28 1.77
C VAL C 37 -5.37 1.60 3.11
N ARG C 38 -5.56 2.88 3.40
CA ARG C 38 -6.18 3.24 4.68
C ARG C 38 -7.43 4.09 4.49
N GLN C 39 -8.28 4.08 5.51
CA GLN C 39 -9.58 4.73 5.40
C GLN C 39 -9.90 5.48 6.70
N ALA C 40 -9.77 6.80 6.66
CA ALA C 40 -10.18 7.61 7.80
C ALA C 40 -11.67 7.36 8.06
N PRO C 41 -12.08 7.40 9.33
CA PRO C 41 -13.46 7.07 9.68
C PRO C 41 -14.46 7.92 8.90
N GLY C 42 -15.36 7.25 8.19
CA GLY C 42 -16.40 7.88 7.40
C GLY C 42 -15.91 8.62 6.18
N GLN C 43 -14.77 8.19 5.64
CA GLN C 43 -14.12 8.89 4.53
C GLN C 43 -13.78 7.92 3.39
N GLY C 44 -12.96 8.41 2.44
CA GLY C 44 -12.53 7.63 1.30
C GLY C 44 -11.28 6.77 1.49
N LEU C 45 -10.81 6.19 0.39
CA LEU C 45 -9.66 5.29 0.45
C LEU C 45 -8.37 6.02 0.05
N GLU C 46 -7.31 5.83 0.83
CA GLU C 46 -6.01 6.41 0.47
C GLU C 46 -4.97 5.33 0.28
N TRP C 47 -4.45 5.23 -0.94
CA TRP C 47 -3.36 4.30 -1.20
C TRP C 47 -2.10 4.69 -0.42
N MET C 48 -1.43 3.73 0.20
CA MET C 48 -0.21 4.03 0.96
C MET C 48 1.06 3.59 0.23
N GLY C 49 1.08 2.37 -0.24
CA GLY C 49 2.23 1.85 -0.95
C GLY C 49 2.20 0.36 -1.20
N TRP C 50 3.24 -0.15 -1.87
CA TRP C 50 3.30 -1.55 -2.23
C TRP C 50 4.67 -2.09 -1.93
N ILE C 51 4.73 -3.41 -1.69
CA ILE C 51 6.00 -4.12 -1.55
C ILE C 51 5.96 -5.50 -2.20
N SER C 52 7.02 -5.84 -2.92
CA SER C 52 7.13 -7.13 -3.58
C SER C 52 7.40 -8.29 -2.63
N GLY C 53 6.67 -9.37 -2.79
CA GLY C 53 6.90 -10.59 -2.02
C GLY C 53 8.03 -11.39 -2.64
N TYR C 54 8.49 -10.94 -3.81
CA TYR C 54 9.61 -11.58 -4.47
C TYR C 54 10.96 -10.92 -4.13
N SER C 55 11.00 -9.60 -3.99
CA SER C 55 12.27 -8.90 -3.88
C SER C 55 12.38 -7.91 -2.73
N GLY C 56 11.23 -7.58 -2.13
CA GLY C 56 11.19 -6.61 -1.03
C GLY C 56 11.22 -5.19 -1.55
N ASP C 57 11.15 -5.05 -2.87
CA ASP C 57 11.10 -3.73 -3.49
C ASP C 57 9.84 -2.99 -3.02
N THR C 58 9.94 -1.70 -2.81
CA THR C 58 8.79 -0.96 -2.30
C THR C 58 8.53 0.29 -3.13
N LYS C 59 7.29 0.77 -3.11
CA LYS C 59 6.97 2.10 -3.62
C LYS C 59 5.85 2.67 -2.76
N TYR C 60 6.09 3.85 -2.23
CA TYR C 60 5.18 4.47 -1.25
C TYR C 60 4.50 5.67 -1.86
N ALA C 61 3.35 6.05 -1.33
CA ALA C 61 2.66 7.25 -1.78
C ALA C 61 3.48 8.47 -1.40
N GLN C 62 3.55 9.44 -2.31
CA GLN C 62 4.37 10.62 -2.13
C GLN C 62 4.17 11.31 -0.78
N LYS C 63 2.93 11.35 -0.30
CA LYS C 63 2.61 12.01 0.95
C LYS C 63 3.16 11.28 2.18
N LEU C 64 3.48 10.00 2.00
CA LEU C 64 3.92 9.17 3.13
C LEU C 64 5.39 8.72 3.06
N GLN C 65 6.15 9.17 2.04
CA GLN C 65 7.57 8.88 1.99
C GLN C 65 8.17 9.58 3.19
N GLY C 66 9.12 8.92 3.83
CA GLY C 66 9.70 9.43 5.06
C GLY C 66 9.08 8.74 6.26
N ARG C 67 7.75 8.84 6.38
CA ARG C 67 7.04 8.33 7.55
C ARG C 67 6.72 6.83 7.52
N VAL C 68 6.60 6.26 6.33
CA VAL C 68 6.19 4.85 6.24
C VAL C 68 7.36 3.94 5.86
N THR C 69 7.30 2.68 6.31
CA THR C 69 8.22 1.65 5.86
C THR C 69 7.46 0.36 5.68
N MET C 70 7.70 -0.32 4.57
CA MET C 70 7.16 -1.66 4.42
C MET C 70 8.30 -2.68 4.33
N THR C 71 8.11 -3.79 5.02
CA THR C 71 9.00 -4.94 4.94
C THR C 71 8.15 -6.20 4.81
N LYS C 72 8.80 -7.34 4.57
CA LYS C 72 8.10 -8.58 4.36
C LYS C 72 9.02 -9.74 4.74
N ASP C 73 8.43 -10.87 5.08
CA ASP C 73 9.18 -12.03 5.52
C ASP C 73 8.71 -13.30 4.83
N THR C 74 9.45 -13.73 3.81
CA THR C 74 9.13 -14.92 3.03
C THR C 74 8.85 -16.17 3.88
N SER C 75 9.61 -16.37 4.95
CA SER C 75 9.45 -17.51 5.85
C SER C 75 8.04 -17.61 6.39
N THR C 76 7.56 -16.50 6.92
CA THR C 76 6.26 -16.50 7.55
C THR C 76 5.21 -15.99 6.60
N THR C 77 5.59 -15.78 5.35
CA THR C 77 4.75 -15.14 4.32
C THR C 77 3.91 -14.05 4.96
N THR C 78 4.60 -13.05 5.51
CA THR C 78 3.93 -11.98 6.23
C THR C 78 4.49 -10.66 5.76
N ALA C 79 3.65 -9.64 5.64
CA ALA C 79 4.14 -8.30 5.34
C ALA C 79 3.85 -7.36 6.50
N TYR C 80 4.69 -6.33 6.66
CA TYR C 80 4.51 -5.37 7.73
C TYR C 80 4.52 -3.96 7.19
N MET C 81 3.71 -3.12 7.80
CA MET C 81 3.67 -1.70 7.48
C MET C 81 4.01 -0.98 8.79
N GLU C 82 4.97 -0.07 8.72
CA GLU C 82 5.30 0.76 9.87
C GLU C 82 4.98 2.21 9.55
N LEU C 83 4.22 2.86 10.42
CA LEU C 83 3.93 4.27 10.26
C LEU C 83 4.49 5.02 11.46
N ARG C 84 5.39 5.98 11.22
CA ARG C 84 6.05 6.74 12.30
C ARG C 84 5.39 8.10 12.52
N SER C 85 5.68 8.73 13.66
CA SER C 85 5.20 10.09 13.95
C SER C 85 3.69 10.28 13.79
N LEU C 86 2.91 9.44 14.46
CA LEU C 86 1.46 9.44 14.32
C LEU C 86 0.83 10.75 14.77
N ARG C 87 -0.03 11.28 13.92
CA ARG C 87 -0.86 12.43 14.24
C ARG C 87 -2.32 11.95 14.21
N TYR C 88 -3.27 12.83 14.53
CA TYR C 88 -4.67 12.44 14.61
C TYR C 88 -5.25 12.04 13.25
N ASP C 89 -4.64 12.54 12.18
CA ASP C 89 -5.00 12.20 10.80
C ASP C 89 -4.67 10.76 10.44
N ASP C 90 -3.90 10.08 11.29
CA ASP C 90 -3.50 8.72 10.98
C ASP C 90 -4.51 7.71 11.56
N THR C 91 -5.53 8.22 12.25
CA THR C 91 -6.62 7.37 12.73
C THR C 91 -7.40 6.85 11.51
N ALA C 92 -7.39 5.53 11.31
CA ALA C 92 -7.99 4.96 10.12
C ALA C 92 -8.06 3.47 10.22
N VAL C 93 -8.77 2.83 9.31
CA VAL C 93 -8.65 1.40 9.17
C VAL C 93 -7.56 1.11 8.15
N TYR C 94 -6.67 0.19 8.47
CA TYR C 94 -5.58 -0.17 7.58
C TYR C 94 -5.85 -1.51 6.91
N TYR C 95 -6.03 -1.48 5.60
CA TYR C 95 -6.21 -2.71 4.87
C TYR C 95 -4.90 -3.10 4.24
N CYS C 96 -4.65 -4.41 4.14
CA CYS C 96 -3.67 -4.86 3.18
C CYS C 96 -4.42 -5.57 2.07
N ALA C 97 -3.82 -5.64 0.90
CA ALA C 97 -4.47 -6.26 -0.23
C ALA C 97 -3.46 -7.01 -1.05
N ARG C 98 -3.83 -8.17 -1.58
CA ARG C 98 -2.97 -8.89 -2.53
C ARG C 98 -2.82 -8.14 -3.86
N ASP C 99 -1.58 -7.84 -4.22
CA ASP C 99 -1.31 -7.07 -5.41
C ASP C 99 -0.69 -8.03 -6.44
N VAL C 100 -1.18 -8.05 -7.68
CA VAL C 100 -0.70 -9.07 -8.62
C VAL C 100 0.78 -8.86 -9.03
N GLN C 101 1.24 -7.62 -9.06
CA GLN C 101 2.61 -7.32 -9.49
C GLN C 101 3.72 -7.65 -8.47
N TYR C 102 4.81 -8.29 -8.92
CA TYR C 102 5.91 -8.62 -8.00
C TYR C 102 7.34 -8.24 -8.44
N SER C 103 7.52 -7.85 -9.70
CA SER C 103 8.81 -7.29 -10.11
C SER C 103 8.61 -6.37 -11.32
N GLY C 104 9.68 -5.68 -11.69
CA GLY C 104 9.62 -4.53 -12.58
C GLY C 104 9.24 -3.29 -11.78
N SER C 105 9.45 -2.12 -12.37
CA SER C 105 8.89 -0.86 -11.82
C SER C 105 7.41 -1.00 -11.52
N TYR C 106 7.02 -0.50 -10.36
CA TYR C 106 5.64 -0.47 -9.95
C TYR C 106 5.01 0.78 -10.56
N LEU C 107 4.09 0.57 -11.49
CA LEU C 107 3.56 1.64 -12.32
C LEU C 107 2.04 1.55 -12.53
N GLY C 108 1.36 0.76 -11.72
CA GLY C 108 -0.06 0.55 -11.86
C GLY C 108 -0.55 -0.14 -13.13
N ALA C 109 0.31 -0.91 -13.79
CA ALA C 109 -0.12 -1.71 -14.95
C ALA C 109 -0.88 -2.95 -14.46
N TYR C 110 -0.63 -3.34 -13.22
CA TYR C 110 -1.35 -4.46 -12.59
C TYR C 110 -2.42 -3.88 -11.67
N TYR C 111 -2.93 -4.69 -10.74
CA TYR C 111 -3.95 -4.21 -9.79
C TYR C 111 -3.90 -5.03 -8.52
N PHE C 112 -4.62 -4.59 -7.49
CA PHE C 112 -4.72 -5.41 -6.27
C PHE C 112 -6.10 -6.04 -6.13
N ASP C 113 -6.14 -7.25 -5.58
CA ASP C 113 -7.29 -8.14 -5.65
C ASP C 113 -8.14 -8.17 -4.41
N TYR C 114 -7.75 -9.06 -3.50
CA TYR C 114 -8.45 -9.37 -2.27
C TYR C 114 -7.96 -8.45 -1.16
N TRP C 115 -8.89 -7.97 -0.34
CA TRP C 115 -8.58 -7.09 0.76
C TRP C 115 -8.74 -7.83 2.09
N SER C 116 -7.88 -7.53 3.05
CA SER C 116 -7.96 -8.16 4.35
C SER C 116 -9.09 -7.48 5.11
N PRO C 117 -9.58 -8.11 6.19
CA PRO C 117 -10.69 -7.57 7.00
C PRO C 117 -10.48 -6.13 7.45
N GLY C 118 -9.25 -5.74 7.79
CA GLY C 118 -9.00 -4.38 8.26
C GLY C 118 -8.56 -4.29 9.70
N THR C 119 -7.52 -3.50 9.96
CA THR C 119 -7.06 -3.25 11.31
C THR C 119 -7.19 -1.76 11.65
N LEU C 120 -7.91 -1.47 12.73
CA LEU C 120 -8.09 -0.09 13.13
C LEU C 120 -6.94 0.40 14.01
N VAL C 121 -6.47 1.60 13.70
CA VAL C 121 -5.44 2.26 14.47
C VAL C 121 -5.99 3.60 14.95
N THR C 122 -6.05 3.77 16.27
CA THR C 122 -6.55 4.99 16.86
C THR C 122 -5.41 5.77 17.49
N VAL C 123 -5.13 6.94 16.94
CA VAL C 123 -4.17 7.85 17.53
C VAL C 123 -4.90 8.85 18.42
N SER C 124 -4.80 8.63 19.73
CA SER C 124 -5.41 9.53 20.71
C SER C 124 -4.50 9.81 21.91
N SER C 125 -4.53 11.06 22.35
CA SER C 125 -3.82 11.48 23.54
C SER C 125 -4.81 11.54 24.70
N ALA C 126 -6.10 11.47 24.36
CA ALA C 126 -7.20 11.70 25.31
C ALA C 126 -7.15 10.83 26.56
N SER C 127 -7.73 11.34 27.65
CA SER C 127 -7.52 10.79 28.98
C SER C 127 -8.77 10.87 29.88
N THR C 128 -9.91 10.42 29.35
CA THR C 128 -11.18 10.46 30.07
C THR C 128 -11.51 11.86 30.63
N LYS C 129 -12.39 12.57 29.93
CA LYS C 129 -12.93 13.80 30.45
C LYS C 129 -14.44 13.76 30.30
N GLY C 130 -15.13 14.27 31.31
CA GLY C 130 -16.56 14.46 31.23
C GLY C 130 -16.90 15.59 30.26
N PRO C 131 -18.16 15.64 29.82
CA PRO C 131 -18.49 16.68 28.85
C PRO C 131 -18.85 18.02 29.50
N SER C 132 -18.86 19.07 28.71
CA SER C 132 -19.52 20.30 29.11
C SER C 132 -20.84 20.33 28.36
N VAL C 133 -21.92 20.56 29.09
CA VAL C 133 -23.25 20.58 28.49
C VAL C 133 -23.84 21.98 28.43
N PHE C 134 -24.16 22.40 27.21
CA PHE C 134 -24.72 23.72 26.98
C PHE C 134 -26.14 23.60 26.38
N PRO C 135 -27.04 24.46 26.80
CA PRO C 135 -28.40 24.44 26.25
C PRO C 135 -28.45 25.06 24.86
N LEU C 136 -29.30 24.50 23.99
CA LEU C 136 -29.61 25.13 22.71
C LEU C 136 -31.02 25.70 22.79
N ALA C 137 -31.10 26.99 23.11
CA ALA C 137 -32.36 27.67 23.39
C ALA C 137 -33.31 27.66 22.20
N PRO C 138 -34.62 27.53 22.46
CA PRO C 138 -35.63 27.57 21.40
C PRO C 138 -35.66 28.94 20.77
N SER C 139 -36.12 29.04 19.52
CA SER C 139 -36.21 30.33 18.83
C SER C 139 -37.23 31.24 19.50
N GLY C 146 -47.23 25.56 14.83
CA GLY C 146 -46.12 26.15 15.55
C GLY C 146 -45.30 25.12 16.30
N THR C 147 -44.25 24.65 15.62
CA THR C 147 -43.27 23.78 16.24
C THR C 147 -42.09 24.61 16.72
N ALA C 148 -41.45 24.18 17.79
CA ALA C 148 -40.19 24.82 18.19
C ALA C 148 -39.10 23.76 18.45
N ALA C 149 -37.86 24.10 18.12
CA ALA C 149 -36.75 23.19 18.34
C ALA C 149 -35.93 23.67 19.51
N LEU C 150 -35.64 22.80 20.47
CA LEU C 150 -34.67 23.12 21.51
C LEU C 150 -33.75 21.93 21.75
N GLY C 151 -32.52 22.21 22.18
CA GLY C 151 -31.54 21.16 22.28
C GLY C 151 -30.54 21.19 23.43
N CYS C 152 -29.64 20.23 23.39
CA CYS C 152 -28.53 20.12 24.33
C CYS C 152 -27.27 19.87 23.58
N LEU C 153 -26.28 20.71 23.79
CA LEU C 153 -24.96 20.48 23.24
C LEU C 153 -24.08 19.82 24.29
N VAL C 154 -23.50 18.68 23.94
CA VAL C 154 -22.66 17.92 24.84
C VAL C 154 -21.21 17.90 24.30
N LYS C 155 -20.38 18.77 24.87
CA LYS C 155 -19.09 19.16 24.28
C LYS C 155 -17.89 18.46 24.90
N ASP C 156 -17.00 17.94 24.06
CA ASP C 156 -15.66 17.55 24.51
C ASP C 156 -15.58 16.45 25.58
N TYR C 157 -15.83 15.21 25.18
CA TYR C 157 -15.72 14.09 26.12
C TYR C 157 -14.94 12.94 25.51
N PHE C 158 -14.56 11.99 26.35
CA PHE C 158 -13.83 10.82 25.93
C PHE C 158 -13.81 9.83 27.09
N PRO C 159 -13.99 8.55 26.78
CA PRO C 159 -14.34 8.07 25.44
C PRO C 159 -15.85 8.08 25.29
N GLU C 160 -16.35 7.52 24.19
CA GLU C 160 -17.78 7.27 24.02
C GLU C 160 -18.24 6.17 24.96
N PRO C 161 -19.56 6.11 25.27
CA PRO C 161 -20.64 6.99 24.80
C PRO C 161 -21.30 7.80 25.92
N VAL C 162 -21.91 8.91 25.55
CA VAL C 162 -22.81 9.56 26.49
C VAL C 162 -24.22 9.17 26.18
N THR C 163 -25.10 9.41 27.14
CA THR C 163 -26.49 9.04 27.06
C THR C 163 -27.32 10.29 27.31
N VAL C 164 -28.36 10.48 26.50
CA VAL C 164 -29.25 11.63 26.71
C VAL C 164 -30.71 11.23 26.80
N SER C 165 -31.37 11.70 27.85
CA SER C 165 -32.82 11.62 27.93
C SER C 165 -33.36 13.02 28.15
N TRP C 166 -34.66 13.16 28.02
CA TRP C 166 -35.31 14.43 28.27
C TRP C 166 -36.35 14.29 29.38
N ASN C 167 -36.36 15.28 30.27
CA ASN C 167 -37.31 15.31 31.38
C ASN C 167 -37.39 13.96 32.07
N SER C 168 -36.20 13.40 32.30
CA SER C 168 -36.03 12.08 32.91
C SER C 168 -36.83 10.97 32.25
N GLY C 169 -36.92 11.00 30.92
CA GLY C 169 -37.57 9.92 30.18
C GLY C 169 -39.02 10.18 29.83
N ALA C 170 -39.67 11.10 30.53
CA ALA C 170 -41.08 11.41 30.26
C ALA C 170 -41.30 12.22 28.97
N LEU C 171 -40.21 12.73 28.39
CA LEU C 171 -40.31 13.36 27.08
C LEU C 171 -39.60 12.47 26.07
N THR C 172 -40.36 11.93 25.12
CA THR C 172 -39.80 11.03 24.13
C THR C 172 -40.23 11.40 22.72
N SER C 173 -41.45 11.91 22.62
CA SER C 173 -41.97 12.31 21.31
C SER C 173 -41.16 13.50 20.81
N GLY C 174 -40.52 13.32 19.66
CA GLY C 174 -39.80 14.41 19.02
C GLY C 174 -38.32 14.46 19.30
N VAL C 175 -37.82 13.58 20.16
CA VAL C 175 -36.40 13.57 20.52
C VAL C 175 -35.55 12.94 19.42
N HIS C 176 -34.55 13.69 18.94
CA HIS C 176 -33.45 13.05 18.19
C HIS C 176 -32.07 13.34 18.80
N THR C 177 -31.34 12.27 19.10
CA THR C 177 -29.97 12.40 19.54
C THR C 177 -29.04 11.96 18.41
N PHE C 178 -28.20 12.89 17.98
CA PHE C 178 -27.29 12.70 16.84
C PHE C 178 -26.02 11.97 17.27
N PRO C 179 -25.47 11.12 16.40
CA PRO C 179 -24.18 10.47 16.65
C PRO C 179 -23.08 11.49 16.95
N ALA C 180 -22.00 11.06 17.59
CA ALA C 180 -20.94 11.98 17.95
C ALA C 180 -20.10 12.40 16.76
N VAL C 181 -19.54 13.61 16.83
CA VAL C 181 -18.47 13.98 15.93
C VAL C 181 -17.13 13.89 16.67
N LEU C 182 -16.11 13.40 15.98
CA LEU C 182 -14.79 13.29 16.57
C LEU C 182 -13.91 14.41 16.06
N GLN C 183 -13.69 15.43 16.89
CA GLN C 183 -12.85 16.56 16.50
C GLN C 183 -11.43 16.09 16.19
N SER C 184 -10.66 16.98 15.61
CA SER C 184 -9.25 16.69 15.35
C SER C 184 -8.46 16.76 16.65
N SER C 185 -9.15 16.90 17.77
CA SER C 185 -8.50 17.01 19.08
C SER C 185 -8.57 15.68 19.81
N GLY C 186 -9.25 14.70 19.20
CA GLY C 186 -9.43 13.40 19.82
C GLY C 186 -10.61 13.32 20.76
N LEU C 187 -11.32 14.43 20.95
CA LEU C 187 -12.50 14.48 21.81
C LEU C 187 -13.82 14.52 21.01
N TYR C 188 -14.89 13.98 21.61
CA TYR C 188 -16.21 13.88 20.94
C TYR C 188 -17.18 14.97 21.37
N SER C 189 -18.14 15.27 20.50
CA SER C 189 -19.27 16.13 20.84
C SER C 189 -20.52 15.57 20.20
N LEU C 190 -21.65 15.64 20.89
CA LEU C 190 -22.91 15.36 20.22
C LEU C 190 -23.98 16.37 20.57
N SER C 191 -25.15 16.21 19.95
CA SER C 191 -26.31 17.05 20.24
C SER C 191 -27.61 16.26 20.29
N SER C 192 -28.59 16.84 20.97
CA SER C 192 -29.90 16.23 21.08
C SER C 192 -31.00 17.28 20.96
N VAL C 193 -31.96 17.05 20.06
CA VAL C 193 -33.04 18.03 19.86
C VAL C 193 -34.39 17.41 20.11
N VAL C 194 -35.25 18.16 20.77
CA VAL C 194 -36.66 17.83 20.85
C VAL C 194 -37.42 18.87 20.06
N THR C 195 -38.38 18.40 19.30
CA THR C 195 -39.30 19.31 18.67
C THR C 195 -40.54 19.33 19.53
N VAL C 196 -40.92 20.52 19.96
CA VAL C 196 -42.05 20.71 20.87
C VAL C 196 -43.07 21.72 20.34
N PRO C 197 -44.30 21.67 20.87
CA PRO C 197 -45.29 22.72 20.59
C PRO C 197 -44.74 24.08 20.97
N SER C 198 -44.98 25.08 20.12
CA SER C 198 -44.43 26.40 20.35
C SER C 198 -45.19 27.17 21.43
N SER C 199 -46.40 26.71 21.74
CA SER C 199 -47.17 27.30 22.81
C SER C 199 -46.76 26.68 24.15
N SER C 200 -46.11 25.53 24.08
CA SER C 200 -45.63 24.82 25.27
C SER C 200 -44.47 25.56 25.93
N LEU C 201 -43.84 26.46 25.18
CA LEU C 201 -42.78 27.27 25.75
C LEU C 201 -43.45 28.18 26.77
N GLY C 202 -42.70 28.69 27.73
CA GLY C 202 -43.28 29.62 28.68
C GLY C 202 -44.06 29.01 29.84
N THR C 203 -44.79 27.93 29.58
CA THR C 203 -45.47 27.22 30.66
C THR C 203 -44.77 25.93 31.10
N GLN C 204 -44.13 25.24 30.16
CA GLN C 204 -43.58 23.91 30.40
C GLN C 204 -42.05 23.91 30.54
N THR C 205 -41.51 23.09 31.44
CA THR C 205 -40.06 23.03 31.57
C THR C 205 -39.43 21.87 30.77
N TYR C 206 -38.19 22.09 30.32
CA TYR C 206 -37.41 21.10 29.55
C TYR C 206 -36.00 20.93 30.10
N ILE C 207 -35.63 19.70 30.45
CA ILE C 207 -34.30 19.39 30.99
C ILE C 207 -33.65 18.22 30.24
N CYS C 208 -32.47 18.44 29.67
CA CYS C 208 -31.78 17.30 29.10
C CYS C 208 -30.98 16.59 30.21
N ASN C 209 -31.02 15.26 30.24
CA ASN C 209 -30.21 14.53 31.22
C ASN C 209 -29.05 13.81 30.55
N VAL C 210 -27.85 14.23 30.88
CA VAL C 210 -26.65 13.73 30.23
C VAL C 210 -25.91 12.80 31.18
N ASN C 211 -25.67 11.58 30.72
CA ASN C 211 -24.93 10.62 31.51
C ASN C 211 -23.71 10.12 30.76
N HIS C 212 -22.54 10.45 31.29
CA HIS C 212 -21.28 9.95 30.75
C HIS C 212 -20.64 9.04 31.79
N LYS C 213 -20.95 7.74 31.72
CA LYS C 213 -20.45 6.78 32.71
C LYS C 213 -18.92 6.72 32.90
N PRO C 214 -18.15 6.72 31.80
CA PRO C 214 -16.72 6.57 32.04
C PRO C 214 -16.07 7.65 32.93
N SER C 215 -16.72 8.80 33.06
CA SER C 215 -16.20 9.85 33.92
C SER C 215 -17.14 10.11 35.09
N ASN C 216 -18.14 9.23 35.22
CA ASN C 216 -19.18 9.38 36.23
C ASN C 216 -19.82 10.79 36.22
N THR C 217 -19.92 11.39 35.03
CA THR C 217 -20.53 12.70 34.91
C THR C 217 -22.04 12.61 34.64
N LYS C 218 -22.81 13.34 35.42
CA LYS C 218 -24.26 13.36 35.29
C LYS C 218 -24.76 14.78 35.36
N VAL C 219 -25.40 15.24 34.29
CA VAL C 219 -25.79 16.62 34.21
C VAL C 219 -27.23 16.79 33.73
N ASP C 220 -28.01 17.51 34.54
CA ASP C 220 -29.35 17.92 34.17
C ASP C 220 -29.28 19.36 33.74
N LYS C 221 -29.40 19.62 32.45
CA LYS C 221 -29.34 20.99 31.97
C LYS C 221 -30.71 21.55 31.58
N ARG C 222 -31.12 22.61 32.27
CA ARG C 222 -32.34 23.33 31.93
C ARG C 222 -32.13 24.10 30.62
N VAL C 223 -33.00 23.84 29.65
CA VAL C 223 -33.03 24.60 28.39
C VAL C 223 -34.25 25.52 28.40
N GLU C 224 -34.00 26.83 28.45
CA GLU C 224 -35.06 27.82 28.65
C GLU C 224 -34.99 28.88 27.54
N PRO C 225 -36.13 29.52 27.23
CA PRO C 225 -36.20 30.57 26.21
C PRO C 225 -35.25 31.73 26.50
N LYS C 226 -34.75 32.37 25.45
CA LYS C 226 -33.84 33.48 25.63
C LYS C 226 -34.59 34.80 25.79
N SER C 227 -34.07 35.67 26.65
CA SER C 227 -34.59 37.02 26.79
C SER C 227 -33.54 38.05 26.37
N CYS C 228 -33.98 39.25 26.03
CA CYS C 228 -33.08 40.27 25.54
C CYS C 228 -33.21 41.59 26.32
#